data_5JY0
#
_entry.id   5JY0
#
_cell.length_a   87.787
_cell.length_b   113.331
_cell.length_c   111.226
_cell.angle_alpha   90.000
_cell.angle_beta   106.260
_cell.angle_gamma   90.000
#
_symmetry.space_group_name_H-M   'C 1 2 1'
#
loop_
_entity.id
_entity.type
_entity.pdbx_description
1 polymer 'Asp/Glu-specific dipeptidyl-peptidase'
2 polymer LEU-ASP-VAL
3 non-polymer 2-AMINO-2-HYDROXYMETHYL-PROPANE-1,3-DIOL
4 water water
#
loop_
_entity_poly.entity_id
_entity_poly.type
_entity_poly.pdbx_seq_one_letter_code
_entity_poly.pdbx_strand_id
1 'polypeptide(L)'
;MDGGMWLMQQINGQVARMKSLGMQLEAADIYNPNGSSLKDAVVMFDGGCTGVLVSNQGLLLTNHHCGYDQIQKHSSVQHN
YLKDGFWSYSLAEELVNPGLEVEIVDEITDVTAAVKKELERIKKPSGLEFLSPRYLSSLAPEIVGKKAASRPGYRYEIKA
FYGGNRYYMFTKKVFRDVRLVAAPPSSIGKFGSDTDNWAWPRHTGDFSIFRLYADKNGNPAEYSKDNVPYRPKRWVKVNA
QGVKEGDFALIMGYPGTTYKFFTADEVTEWSEIDNNIRIEMRGILQDVMLREMLADPKINIMYAAKYASSQNGYKRAQGA
NWAIRRRSLREIKLAQQQEVLAWAKQKGIATTEEAVRAISKAIEGRQDLRMRQRYLLEGILMGIEMSNAPAADSDIADHW
DDPARREAGLQSIRKQFEAFFNKDYSPEVEKDQLAIALLTRYAERIPAEKQPISIREGIAEYGSAKAYVEMIFDKSIYAS
RERFEEFMKNPDRDRLLRDPMSRFAASVAYEHQKLAKEVAAFDAPLAAAQRSYVASVLDMKGQPNLAPDANLTLRFTYGE
IKGYQPRDVVTYGAKSTLEGVMEKEDPNNWEYVVDPKLKALYEAKNYGRYANSDGSMPVNFCATTHTTGGNAGSPVMNAR
GELIGLNFDRNWEGVGGDIEYLPNYQRSIILDIRYLLFIIDKFAGCQRLIDEIQPQFHHHHHH
;
A
2 'polypeptide(L)' LDV B
#
loop_
_chem_comp.id
_chem_comp.type
_chem_comp.name
_chem_comp.formula
TRS non-polymer 2-AMINO-2-HYDROXYMETHYL-PROPANE-1,3-DIOL 'C4 H12 N O3 1'
#
# COMPACT_ATOMS: atom_id res chain seq x y z
N ASP A 2 -0.44 15.95 -18.42
CA ASP A 2 0.65 15.30 -17.69
C ASP A 2 0.24 13.89 -17.23
N GLY A 3 0.84 13.44 -16.14
CA GLY A 3 0.58 12.10 -15.67
C GLY A 3 1.64 11.12 -16.11
N GLY A 4 1.39 9.85 -15.85
CA GLY A 4 2.35 8.84 -16.18
C GLY A 4 3.25 8.46 -15.03
N MET A 5 3.19 7.19 -14.68
CA MET A 5 4.20 6.59 -13.85
C MET A 5 5.18 5.81 -14.73
N TRP A 6 6.34 6.41 -14.96
CA TRP A 6 7.21 5.96 -16.01
C TRP A 6 8.09 4.81 -15.57
N LEU A 7 8.40 3.92 -16.50
CA LEU A 7 9.39 2.89 -16.28
C LEU A 7 10.71 3.58 -16.09
N MET A 8 11.60 3.00 -15.31
CA MET A 8 12.90 3.60 -15.15
C MET A 8 13.62 3.67 -16.47
N GLN A 9 13.42 2.68 -17.33
CA GLN A 9 14.09 2.72 -18.62
C GLN A 9 13.35 3.57 -19.63
N GLN A 10 12.36 4.32 -19.19
CA GLN A 10 11.71 5.27 -20.08
C GLN A 10 12.27 6.65 -19.88
N ILE A 11 13.32 6.74 -19.08
CA ILE A 11 13.83 8.02 -18.64
C ILE A 11 14.36 8.86 -19.81
N ASN A 12 14.94 8.21 -20.81
CA ASN A 12 15.50 8.94 -21.93
C ASN A 12 14.43 9.70 -22.66
N GLY A 13 13.27 9.07 -22.81
CA GLY A 13 12.16 9.70 -23.48
C GLY A 13 11.54 10.87 -22.72
N GLN A 14 11.88 11.00 -21.44
CA GLN A 14 11.28 12.01 -20.59
C GLN A 14 12.27 13.04 -20.13
N VAL A 15 13.55 12.70 -20.10
CA VAL A 15 14.58 13.58 -19.56
C VAL A 15 14.50 14.94 -20.20
N ALA A 16 14.09 14.96 -21.44
CA ALA A 16 13.91 16.18 -22.19
C ALA A 16 12.97 17.14 -21.47
N ARG A 17 11.70 16.76 -21.41
CA ARG A 17 10.67 17.60 -20.80
C ARG A 17 11.01 17.95 -19.37
N MET A 18 11.73 17.06 -18.71
CA MET A 18 12.06 17.27 -17.31
C MET A 18 13.03 18.42 -17.14
N LYS A 19 14.04 18.48 -17.98
CA LYS A 19 14.98 19.58 -17.91
C LYS A 19 14.25 20.86 -18.25
N SER A 20 13.26 20.73 -19.12
CA SER A 20 12.42 21.86 -19.48
C SER A 20 11.79 22.50 -18.26
N LEU A 21 11.16 21.72 -17.41
CA LEU A 21 10.55 22.24 -16.19
C LEU A 21 11.55 22.47 -15.09
N GLY A 22 12.83 22.48 -15.40
CA GLY A 22 13.83 22.89 -14.43
C GLY A 22 14.76 21.81 -13.90
N MET A 23 14.69 20.60 -14.43
CA MET A 23 15.58 19.58 -13.92
C MET A 23 17.01 19.85 -14.30
N GLN A 24 17.92 19.62 -13.36
CA GLN A 24 19.35 19.71 -13.61
C GLN A 24 19.99 18.39 -13.25
N LEU A 25 19.41 17.31 -13.77
CA LEU A 25 19.94 15.98 -13.62
C LEU A 25 20.05 15.36 -14.99
N GLU A 26 20.97 14.41 -15.14
CA GLU A 26 21.04 13.69 -16.38
C GLU A 26 20.22 12.46 -16.21
N ALA A 27 19.68 11.94 -17.31
CA ALA A 27 18.92 10.71 -17.27
C ALA A 27 19.64 9.63 -16.51
N ALA A 28 20.95 9.60 -16.66
CA ALA A 28 21.75 8.52 -16.10
C ALA A 28 22.05 8.75 -14.64
N ASP A 29 21.67 9.92 -14.13
CA ASP A 29 21.74 10.20 -12.71
C ASP A 29 20.64 9.47 -11.99
N ILE A 30 19.57 9.23 -12.72
CA ILE A 30 18.34 8.71 -12.19
C ILE A 30 18.26 7.22 -12.38
N TYR A 31 18.54 6.79 -13.60
CA TYR A 31 18.61 5.39 -13.90
C TYR A 31 19.83 5.08 -14.74
N ASN A 32 20.57 4.09 -14.30
CA ASN A 32 21.77 3.70 -15.00
C ASN A 32 21.86 2.19 -14.99
N PRO A 33 21.77 1.58 -16.17
CA PRO A 33 21.85 0.13 -16.26
C PRO A 33 23.27 -0.31 -15.98
N ASN A 34 24.20 0.55 -16.38
CA ASN A 34 25.61 0.23 -16.40
C ASN A 34 26.29 0.54 -15.08
N GLY A 35 25.52 1.05 -14.12
CA GLY A 35 26.09 1.31 -12.80
C GLY A 35 25.27 2.15 -11.84
N SER A 36 25.96 2.82 -10.94
CA SER A 36 25.35 3.60 -9.86
C SER A 36 24.39 4.69 -10.35
N SER A 37 23.25 4.81 -9.69
CA SER A 37 22.29 5.89 -9.97
C SER A 37 21.31 6.05 -8.81
N LEU A 38 20.28 6.86 -9.00
CA LEU A 38 19.28 7.09 -7.96
C LEU A 38 18.44 5.87 -7.68
N LYS A 39 18.18 5.07 -8.72
CA LYS A 39 17.43 3.83 -8.58
C LYS A 39 17.95 2.97 -7.46
N ASP A 40 19.20 3.20 -7.10
CA ASP A 40 19.82 2.38 -6.10
C ASP A 40 19.45 2.84 -4.70
N ALA A 41 18.92 4.05 -4.57
CA ALA A 41 18.55 4.59 -3.26
C ALA A 41 17.08 4.43 -2.93
N VAL A 42 16.27 4.11 -3.93
CA VAL A 42 14.83 4.01 -3.75
C VAL A 42 14.44 2.57 -3.55
N VAL A 43 13.97 2.24 -2.36
CA VAL A 43 13.75 0.85 -2.00
C VAL A 43 12.32 0.56 -1.69
N MET A 44 11.95 -0.71 -1.71
CA MET A 44 10.61 -1.12 -1.40
C MET A 44 10.53 -1.53 0.04
N PHE A 45 9.53 -1.01 0.73
CA PHE A 45 9.41 -1.24 2.16
C PHE A 45 8.25 -2.15 2.48
N ASP A 46 8.50 -3.23 3.21
CA ASP A 46 7.45 -4.12 3.68
C ASP A 46 6.52 -4.60 2.58
N GLY A 47 7.02 -4.62 1.34
CA GLY A 47 6.26 -5.09 0.21
C GLY A 47 4.98 -4.31 -0.04
N GLY A 48 4.98 -3.07 0.40
CA GLY A 48 3.80 -2.25 0.36
C GLY A 48 4.10 -0.77 0.27
N CYS A 49 5.24 -0.36 0.83
CA CYS A 49 5.58 1.06 0.87
C CYS A 49 6.86 1.32 0.13
N THR A 50 7.28 2.57 0.14
CA THR A 50 8.54 2.96 -0.46
C THR A 50 9.42 3.49 0.67
N GLY A 51 10.69 3.70 0.41
CA GLY A 51 11.59 4.21 1.42
C GLY A 51 12.77 4.76 0.68
N VAL A 52 13.63 5.49 1.36
CA VAL A 52 14.81 6.01 0.69
C VAL A 52 16.00 5.94 1.61
N LEU A 53 17.14 5.59 1.05
CA LEU A 53 18.39 5.53 1.79
C LEU A 53 19.04 6.89 1.72
N VAL A 54 19.45 7.41 2.88
CA VAL A 54 19.86 8.80 2.97
C VAL A 54 21.22 9.00 3.62
N SER A 55 21.85 7.92 4.07
CA SER A 55 23.23 7.98 4.56
C SER A 55 24.04 6.77 4.11
N ASN A 56 25.36 6.87 4.25
CA ASN A 56 26.27 5.80 3.85
C ASN A 56 26.26 4.63 4.83
N GLN A 57 25.54 4.79 5.93
CA GLN A 57 25.37 3.75 6.92
C GLN A 57 24.00 3.12 6.78
N GLY A 58 23.37 3.36 5.65
CA GLY A 58 22.13 2.70 5.29
C GLY A 58 20.88 3.11 6.03
N LEU A 59 20.82 4.38 6.42
CA LEU A 59 19.66 4.94 7.11
C LEU A 59 18.50 5.08 6.16
N LEU A 60 17.32 4.68 6.62
CA LEU A 60 16.17 4.59 5.74
C LEU A 60 14.93 5.39 6.22
N LEU A 61 14.55 6.38 5.44
CA LEU A 61 13.40 7.22 5.74
C LEU A 61 12.12 6.71 5.10
N THR A 62 11.07 6.50 5.89
CA THR A 62 9.80 6.13 5.30
C THR A 62 8.66 6.84 6.05
N ASN A 63 7.41 6.49 5.78
CA ASN A 63 6.32 7.10 6.50
C ASN A 63 6.09 6.46 7.83
N HIS A 64 5.56 7.24 8.76
CA HIS A 64 5.09 6.73 10.01
C HIS A 64 4.08 5.63 9.74
N HIS A 65 3.17 5.83 8.81
CA HIS A 65 2.11 4.83 8.67
C HIS A 65 2.60 3.57 7.94
N CYS A 66 3.78 3.66 7.34
CA CYS A 66 4.44 2.51 6.76
C CYS A 66 5.04 1.65 7.86
N GLY A 67 5.66 2.31 8.83
CA GLY A 67 6.27 1.62 9.96
C GLY A 67 5.41 1.48 11.19
N TYR A 68 4.10 1.69 11.05
CA TYR A 68 3.22 1.70 12.20
C TYR A 68 3.16 0.37 12.92
N ASP A 69 3.21 -0.72 12.18
CA ASP A 69 3.13 -2.04 12.78
C ASP A 69 4.37 -2.41 13.57
N GLN A 70 5.54 -2.13 13.04
CA GLN A 70 6.77 -2.34 13.77
C GLN A 70 6.73 -1.62 15.10
N ILE A 71 6.38 -0.35 15.07
CA ILE A 71 6.35 0.47 16.27
C ILE A 71 5.38 -0.07 17.30
N GLN A 72 4.23 -0.50 16.82
CA GLN A 72 3.23 -1.11 17.67
C GLN A 72 3.76 -2.40 18.28
N LYS A 73 4.73 -3.02 17.61
CA LYS A 73 5.20 -4.33 18.03
C LYS A 73 6.26 -4.23 19.11
N HIS A 74 6.92 -3.08 19.19
CA HIS A 74 7.93 -2.86 20.20
C HIS A 74 7.34 -1.99 21.28
N SER A 75 6.08 -1.63 21.10
CA SER A 75 5.43 -0.77 22.05
C SER A 75 4.80 -1.60 23.15
N SER A 76 4.72 -1.02 24.34
CA SER A 76 4.12 -1.67 25.50
C SER A 76 3.75 -0.59 26.52
N VAL A 77 3.23 -1.01 27.68
CA VAL A 77 2.73 -0.09 28.66
C VAL A 77 3.81 0.84 29.23
N GLN A 78 5.05 0.40 29.17
CA GLN A 78 6.15 1.23 29.62
C GLN A 78 6.97 1.66 28.42
N HIS A 79 6.78 0.97 27.31
CA HIS A 79 7.34 1.40 26.04
C HIS A 79 6.43 2.45 25.44
N ASN A 80 5.32 1.99 24.88
CA ASN A 80 4.32 2.83 24.21
C ASN A 80 4.90 3.82 23.23
N TYR A 81 5.65 3.32 22.27
CA TYR A 81 6.30 4.15 21.29
C TYR A 81 5.28 4.75 20.33
N LEU A 82 4.12 4.13 20.24
CA LEU A 82 3.07 4.68 19.42
C LEU A 82 2.68 6.02 19.96
N LYS A 83 2.69 6.16 21.28
CA LYS A 83 2.28 7.41 21.90
C LYS A 83 3.40 8.40 22.11
N ASP A 84 4.57 7.92 22.47
CA ASP A 84 5.66 8.83 22.82
C ASP A 84 6.64 8.98 21.69
N GLY A 85 6.56 8.07 20.73
CA GLY A 85 7.53 8.04 19.66
C GLY A 85 8.65 7.16 20.10
N PHE A 86 9.74 7.14 19.36
CA PHE A 86 10.88 6.32 19.74
C PHE A 86 12.14 6.93 19.22
N TRP A 87 13.17 6.99 20.04
CA TRP A 87 14.39 7.62 19.61
C TRP A 87 15.60 6.85 20.06
N SER A 88 16.25 6.17 19.13
CA SER A 88 17.44 5.40 19.42
C SER A 88 18.66 6.28 19.35
N TYR A 89 19.59 6.12 20.28
CA TYR A 89 20.76 6.99 20.31
C TYR A 89 22.06 6.30 19.93
N SER A 90 22.00 5.00 19.72
CA SER A 90 23.17 4.25 19.29
C SER A 90 22.75 3.03 18.51
N LEU A 91 23.61 2.55 17.62
CA LEU A 91 23.28 1.45 16.74
C LEU A 91 22.71 0.27 17.49
N ALA A 92 23.13 0.14 18.75
CA ALA A 92 22.74 -0.99 19.55
C ALA A 92 21.32 -0.83 20.02
N GLU A 93 20.87 0.41 20.14
CA GLU A 93 19.52 0.68 20.59
C GLU A 93 18.47 0.45 19.52
N GLU A 94 18.89 0.47 18.27
CA GLU A 94 17.98 0.29 17.15
C GLU A 94 17.35 -1.10 17.19
N LEU A 95 16.03 -1.13 17.06
CA LEU A 95 15.26 -2.34 17.33
C LEU A 95 15.16 -3.28 16.14
N VAL A 96 15.17 -4.57 16.44
CA VAL A 96 15.19 -5.64 15.45
C VAL A 96 13.77 -6.05 15.05
N ASN A 97 13.46 -6.22 13.75
CA ASN A 97 12.08 -6.57 13.56
C ASN A 97 12.07 -7.68 12.55
N PRO A 98 11.84 -8.86 13.08
CA PRO A 98 11.71 -10.16 12.44
C PRO A 98 10.57 -10.11 11.48
N GLY A 99 10.82 -10.52 10.25
CA GLY A 99 9.77 -10.68 9.27
C GLY A 99 9.51 -9.44 8.46
N LEU A 100 10.42 -8.49 8.54
CA LEU A 100 10.29 -7.25 7.80
C LEU A 100 11.33 -7.17 6.70
N GLU A 101 10.89 -7.11 5.44
CA GLU A 101 11.82 -7.17 4.32
C GLU A 101 11.92 -5.85 3.60
N VAL A 102 13.06 -5.59 2.97
CA VAL A 102 13.25 -4.37 2.20
C VAL A 102 14.03 -4.68 0.93
N GLU A 103 13.40 -4.53 -0.22
CA GLU A 103 14.05 -4.93 -1.45
C GLU A 103 14.63 -3.77 -2.22
N ILE A 104 15.92 -3.85 -2.52
CA ILE A 104 16.55 -2.92 -3.43
C ILE A 104 16.50 -3.53 -4.84
N VAL A 105 16.78 -2.74 -5.86
CA VAL A 105 16.77 -3.26 -7.21
C VAL A 105 18.17 -3.30 -7.75
N ASP A 106 18.65 -4.51 -8.03
CA ASP A 106 19.95 -4.63 -8.63
C ASP A 106 19.86 -4.13 -10.05
N GLU A 107 19.06 -4.79 -10.87
CA GLU A 107 18.88 -4.29 -12.24
C GLU A 107 17.57 -4.69 -12.86
N ILE A 108 17.33 -4.12 -14.03
CA ILE A 108 16.07 -4.25 -14.72
C ILE A 108 16.31 -4.82 -16.10
N THR A 109 15.68 -5.94 -16.41
CA THR A 109 15.93 -6.60 -17.67
C THR A 109 14.67 -6.89 -18.44
N ASP A 110 14.62 -6.49 -19.70
CA ASP A 110 13.54 -6.90 -20.58
C ASP A 110 13.60 -8.40 -20.78
N VAL A 111 12.49 -9.09 -20.57
CA VAL A 111 12.47 -10.53 -20.70
C VAL A 111 11.20 -10.91 -21.41
N THR A 112 10.77 -10.04 -22.30
CA THR A 112 9.51 -10.20 -22.98
C THR A 112 9.51 -11.46 -23.82
N ALA A 113 10.44 -11.52 -24.77
CA ALA A 113 10.58 -12.67 -25.67
C ALA A 113 10.71 -13.96 -24.90
N ALA A 114 11.58 -13.96 -23.89
CA ALA A 114 11.79 -15.12 -23.07
C ALA A 114 10.49 -15.63 -22.45
N VAL A 115 9.74 -14.73 -21.81
CA VAL A 115 8.53 -15.12 -21.10
C VAL A 115 7.46 -15.66 -22.03
N LYS A 116 7.33 -15.04 -23.20
CA LYS A 116 6.28 -15.42 -24.12
C LYS A 116 6.44 -16.84 -24.61
N LYS A 117 7.68 -17.26 -24.78
CA LYS A 117 7.91 -18.65 -25.17
C LYS A 117 7.59 -19.58 -24.01
N GLU A 118 8.10 -19.31 -22.81
CA GLU A 118 7.79 -20.26 -21.74
C GLU A 118 6.31 -20.20 -21.39
N LEU A 119 5.60 -19.32 -22.06
CA LEU A 119 4.16 -19.24 -21.94
C LEU A 119 3.48 -20.18 -22.91
N GLU A 120 3.92 -20.17 -24.17
CA GLU A 120 3.46 -21.19 -25.09
C GLU A 120 4.08 -22.47 -24.57
N ARG A 121 3.55 -23.61 -24.99
CA ARG A 121 3.96 -24.88 -24.41
C ARG A 121 3.55 -24.95 -22.96
N ILE A 122 2.27 -24.69 -22.73
CA ILE A 122 1.61 -25.00 -21.48
C ILE A 122 0.47 -25.92 -21.83
N LYS A 123 0.40 -27.07 -21.18
CA LYS A 123 -0.62 -28.03 -21.53
C LYS A 123 -1.95 -27.55 -21.01
N LYS A 124 -2.84 -27.19 -21.93
CA LYS A 124 -4.18 -26.72 -21.57
C LYS A 124 -4.10 -25.59 -20.55
N PRO A 125 -3.63 -24.42 -21.00
CA PRO A 125 -3.34 -23.33 -20.07
C PRO A 125 -4.60 -22.81 -19.39
N SER A 126 -4.42 -22.03 -18.34
CA SER A 126 -5.53 -21.56 -17.52
C SER A 126 -6.15 -20.30 -18.09
N GLY A 127 -5.29 -19.45 -18.66
CA GLY A 127 -5.70 -18.20 -19.22
C GLY A 127 -5.32 -17.05 -18.33
N LEU A 128 -4.85 -17.37 -17.14
CA LEU A 128 -4.57 -16.37 -16.12
C LEU A 128 -3.11 -16.30 -15.76
N GLU A 129 -2.31 -17.24 -16.25
CA GLU A 129 -0.95 -17.34 -15.80
C GLU A 129 -0.07 -16.28 -16.41
N PHE A 130 -0.46 -15.75 -17.56
CA PHE A 130 0.41 -14.78 -18.21
C PHE A 130 0.40 -13.44 -17.48
N LEU A 131 -0.41 -13.34 -16.42
CA LEU A 131 -0.43 -12.16 -15.57
C LEU A 131 0.04 -12.45 -14.16
N SER A 132 -0.08 -13.69 -13.71
CA SER A 132 0.25 -14.03 -12.33
C SER A 132 1.71 -13.97 -12.00
N PRO A 133 2.12 -13.02 -11.14
CA PRO A 133 3.51 -12.83 -10.76
C PRO A 133 4.13 -14.08 -10.12
N ARG A 134 3.29 -14.89 -9.50
CA ARG A 134 3.76 -16.08 -8.82
C ARG A 134 4.32 -17.00 -9.91
N TYR A 135 3.46 -17.28 -10.89
CA TYR A 135 3.85 -18.08 -12.01
C TYR A 135 4.95 -17.41 -12.82
N LEU A 136 4.86 -16.10 -12.98
CA LEU A 136 5.83 -15.42 -13.80
C LEU A 136 7.19 -15.33 -13.14
N SER A 137 7.23 -15.36 -11.83
CA SER A 137 8.51 -15.28 -11.15
C SER A 137 9.10 -16.66 -10.99
N SER A 138 8.24 -17.67 -11.06
CA SER A 138 8.71 -19.04 -11.02
C SER A 138 9.28 -19.46 -12.36
N LEU A 139 9.56 -18.48 -13.21
CA LEU A 139 10.22 -18.75 -14.47
C LEU A 139 11.64 -18.25 -14.41
N ALA A 140 11.96 -17.52 -13.36
CA ALA A 140 13.23 -16.82 -13.30
C ALA A 140 14.51 -17.68 -13.36
N PRO A 141 14.55 -18.80 -12.60
CA PRO A 141 15.74 -19.65 -12.73
C PRO A 141 16.07 -20.03 -14.16
N GLU A 142 15.09 -20.56 -14.87
CA GLU A 142 15.28 -20.97 -16.25
C GLU A 142 15.76 -19.84 -17.14
N ILE A 143 15.70 -18.61 -16.66
CA ILE A 143 16.11 -17.45 -17.46
C ILE A 143 17.55 -17.09 -17.15
N VAL A 144 17.97 -17.36 -15.93
CA VAL A 144 19.28 -16.91 -15.49
C VAL A 144 20.07 -18.01 -14.82
N GLY A 145 19.43 -19.16 -14.60
CA GLY A 145 20.16 -20.36 -14.23
C GLY A 145 20.60 -20.45 -12.79
N LYS A 146 21.81 -20.96 -12.58
CA LYS A 146 22.33 -21.23 -11.25
C LYS A 146 22.23 -20.04 -10.34
N LYS A 147 22.62 -18.87 -10.85
CA LYS A 147 22.60 -17.63 -10.09
C LYS A 147 21.23 -17.29 -9.53
N ALA A 148 20.16 -17.78 -10.16
CA ALA A 148 18.84 -17.67 -9.57
C ALA A 148 18.61 -18.87 -8.68
N ALA A 149 17.77 -18.70 -7.65
CA ALA A 149 17.67 -19.68 -6.58
C ALA A 149 19.05 -20.01 -6.05
N SER A 150 19.91 -19.00 -6.00
CA SER A 150 21.27 -19.18 -5.50
C SER A 150 21.50 -18.19 -4.41
N ARG A 151 22.10 -17.06 -4.78
CA ARG A 151 22.30 -15.96 -3.85
C ARG A 151 21.05 -15.90 -3.02
N PRO A 152 21.19 -16.13 -1.72
CA PRO A 152 20.08 -16.15 -0.78
C PRO A 152 19.50 -14.76 -0.64
N GLY A 153 20.38 -13.78 -0.74
CA GLY A 153 19.95 -12.40 -0.69
C GLY A 153 19.11 -11.96 -1.85
N TYR A 154 19.35 -12.50 -3.04
CA TYR A 154 18.66 -11.99 -4.21
C TYR A 154 17.34 -12.66 -4.38
N ARG A 155 16.44 -11.98 -5.08
CA ARG A 155 15.16 -12.54 -5.43
C ARG A 155 14.85 -12.07 -6.83
N TYR A 156 14.12 -12.88 -7.57
CA TYR A 156 13.86 -12.57 -8.97
C TYR A 156 12.39 -12.39 -9.21
N GLU A 157 12.00 -11.16 -9.53
CA GLU A 157 10.61 -10.79 -9.72
C GLU A 157 10.31 -10.49 -11.18
N ILE A 158 9.23 -11.04 -11.70
CA ILE A 158 8.86 -10.80 -13.08
C ILE A 158 7.38 -10.51 -13.15
N LYS A 159 7.01 -9.42 -13.81
CA LYS A 159 5.61 -9.06 -13.86
C LYS A 159 5.16 -8.75 -15.25
N ALA A 160 3.85 -8.80 -15.46
CA ALA A 160 3.27 -8.42 -16.74
C ALA A 160 3.06 -6.91 -16.80
N PHE A 161 3.46 -6.32 -17.90
CA PHE A 161 3.28 -4.92 -18.17
C PHE A 161 2.38 -4.74 -19.37
N TYR A 162 1.81 -3.55 -19.47
CA TYR A 162 0.95 -3.17 -20.58
C TYR A 162 -0.10 -4.20 -20.90
N GLY A 163 -0.77 -4.73 -19.89
CA GLY A 163 -1.78 -5.73 -20.10
C GLY A 163 -1.21 -7.10 -20.43
N GLY A 164 0.10 -7.18 -20.61
CA GLY A 164 0.74 -8.44 -20.89
C GLY A 164 1.54 -8.44 -22.18
N ASN A 165 1.80 -7.26 -22.71
CA ASN A 165 2.50 -7.10 -23.96
C ASN A 165 3.96 -6.81 -23.73
N ARG A 166 4.35 -6.78 -22.47
CA ARG A 166 5.76 -6.65 -22.09
C ARG A 166 5.95 -7.36 -20.76
N TYR A 167 7.17 -7.76 -20.48
CA TYR A 167 7.51 -8.35 -19.21
C TYR A 167 8.87 -7.84 -18.82
N TYR A 168 9.00 -7.35 -17.60
CA TYR A 168 10.31 -6.91 -17.17
C TYR A 168 10.64 -7.60 -15.89
N MET A 169 11.93 -7.79 -15.66
CA MET A 169 12.42 -8.54 -14.51
C MET A 169 13.24 -7.66 -13.62
N PHE A 170 13.06 -7.83 -12.33
CA PHE A 170 13.74 -7.02 -11.36
C PHE A 170 14.53 -7.93 -10.45
N THR A 171 15.82 -7.69 -10.43
CA THR A 171 16.71 -8.48 -9.62
C THR A 171 16.80 -7.80 -8.28
N LYS A 172 16.19 -8.41 -7.27
CA LYS A 172 16.05 -7.74 -5.99
C LYS A 172 17.02 -8.23 -4.95
N LYS A 173 17.84 -7.35 -4.41
CA LYS A 173 18.55 -7.68 -3.19
C LYS A 173 17.55 -7.63 -2.06
N VAL A 174 17.44 -8.68 -1.27
CA VAL A 174 16.43 -8.70 -0.23
C VAL A 174 17.02 -8.70 1.16
N PHE A 175 16.89 -7.58 1.85
CA PHE A 175 17.44 -7.42 3.18
C PHE A 175 16.44 -7.93 4.19
N ARG A 176 16.90 -8.69 5.17
CA ARG A 176 15.98 -9.28 6.14
C ARG A 176 16.38 -8.95 7.56
N ASP A 177 17.26 -7.98 7.72
CA ASP A 177 17.47 -7.36 9.02
C ASP A 177 17.34 -5.87 8.89
N VAL A 178 16.12 -5.38 9.06
CA VAL A 178 15.82 -3.96 8.91
C VAL A 178 15.36 -3.38 10.23
N ARG A 179 16.15 -2.50 10.79
CA ARG A 179 15.92 -2.17 12.17
C ARG A 179 15.34 -0.79 12.41
N LEU A 180 14.51 -0.70 13.45
CA LEU A 180 13.82 0.52 13.77
C LEU A 180 14.71 1.53 14.46
N VAL A 181 15.00 2.61 13.78
CA VAL A 181 15.75 3.71 14.36
C VAL A 181 14.88 4.69 15.15
N ALA A 182 13.96 5.37 14.48
CA ALA A 182 13.23 6.43 15.17
C ALA A 182 11.81 6.63 14.67
N ALA A 183 10.99 7.20 15.54
CA ALA A 183 9.61 7.47 15.24
C ALA A 183 9.09 8.60 16.09
N PRO A 184 8.26 9.48 15.51
CA PRO A 184 7.56 10.55 16.20
C PRO A 184 6.35 10.00 16.91
N PRO A 185 5.79 10.75 17.85
CA PRO A 185 4.57 10.29 18.49
C PRO A 185 3.39 10.38 17.52
N SER A 186 2.35 9.58 17.76
CA SER A 186 1.23 9.52 16.87
C SER A 186 0.60 10.88 16.66
N SER A 187 0.69 11.73 17.66
CA SER A 187 0.12 13.06 17.58
C SER A 187 0.75 13.84 16.44
N ILE A 188 1.92 13.40 16.02
CA ILE A 188 2.59 14.05 14.93
C ILE A 188 2.53 13.18 13.70
N GLY A 189 2.58 11.88 13.89
CA GLY A 189 2.72 10.96 12.80
C GLY A 189 1.42 10.75 12.10
N LYS A 190 0.34 10.77 12.85
CA LYS A 190 -0.98 10.75 12.24
C LYS A 190 -1.87 11.80 12.87
N PHE A 191 -1.40 13.04 12.85
CA PHE A 191 -2.19 14.20 13.24
C PHE A 191 -3.34 14.45 12.28
N GLY A 192 -4.56 14.45 12.80
CA GLY A 192 -5.70 14.63 11.94
C GLY A 192 -6.08 13.33 11.25
N SER A 193 -5.73 12.23 11.89
CA SER A 193 -5.85 10.90 11.31
C SER A 193 -7.18 10.62 10.58
N ASP A 194 -8.28 11.12 11.12
CA ASP A 194 -9.57 10.84 10.53
C ASP A 194 -10.02 11.94 9.58
N THR A 195 -10.12 13.15 10.10
CA THR A 195 -10.59 14.29 9.36
C THR A 195 -9.70 14.66 8.19
N ASP A 196 -8.40 14.74 8.41
CA ASP A 196 -7.47 15.24 7.41
C ASP A 196 -7.07 14.20 6.38
N ASN A 197 -7.43 12.95 6.63
CA ASN A 197 -7.05 11.91 5.72
C ASN A 197 -7.60 12.19 4.33
N TRP A 198 -6.75 11.99 3.32
CA TRP A 198 -7.06 12.33 1.94
C TRP A 198 -7.39 13.80 1.72
N ALA A 199 -6.87 14.68 2.56
CA ALA A 199 -7.16 16.10 2.46
C ALA A 199 -5.93 16.97 2.37
N TRP A 200 -6.04 18.02 1.57
CA TRP A 200 -5.14 19.15 1.59
C TRP A 200 -5.96 20.39 1.91
N PRO A 201 -5.49 21.26 2.78
CA PRO A 201 -4.28 21.39 3.58
C PRO A 201 -4.03 20.22 4.49
N ARG A 202 -2.77 20.03 4.83
CA ARG A 202 -2.34 18.90 5.64
C ARG A 202 -1.26 19.35 6.60
N HIS A 203 -1.24 18.77 7.79
CA HIS A 203 -0.28 19.15 8.82
C HIS A 203 0.35 17.96 9.55
N THR A 204 0.56 16.89 8.82
CA THR A 204 0.99 15.63 9.41
C THR A 204 2.46 15.31 9.18
N GLY A 205 3.16 14.95 10.25
CA GLY A 205 4.54 14.54 10.14
C GLY A 205 4.64 13.05 9.94
N ASP A 206 4.29 12.59 8.75
CA ASP A 206 4.21 11.18 8.47
C ASP A 206 5.56 10.57 8.13
N PHE A 207 6.41 10.40 9.11
CA PHE A 207 7.70 9.79 8.88
C PHE A 207 8.04 8.79 9.97
N SER A 208 8.97 7.91 9.66
CA SER A 208 9.61 7.02 10.63
C SER A 208 10.93 6.63 10.02
N ILE A 209 11.84 6.10 10.84
CA ILE A 209 13.19 5.81 10.39
C ILE A 209 13.65 4.37 10.69
N PHE A 210 14.21 3.73 9.68
CA PHE A 210 14.80 2.43 9.87
C PHE A 210 16.22 2.44 9.35
N ARG A 211 16.95 1.36 9.58
CA ARG A 211 18.25 1.19 8.94
C ARG A 211 18.40 -0.21 8.39
N LEU A 212 19.13 -0.34 7.30
CA LEU A 212 19.42 -1.64 6.75
C LEU A 212 20.69 -2.21 7.33
N TYR A 213 20.62 -3.47 7.77
CA TYR A 213 21.80 -4.17 8.24
C TYR A 213 22.27 -5.23 7.27
N ALA A 214 23.59 -5.29 7.06
CA ALA A 214 24.22 -6.27 6.19
C ALA A 214 25.14 -7.18 7.00
N ASP A 215 25.91 -8.03 6.33
CA ASP A 215 26.95 -8.81 7.00
C ASP A 215 28.33 -8.23 6.75
N LYS A 216 29.34 -8.85 7.36
CA LYS A 216 30.73 -8.41 7.26
C LYS A 216 31.17 -8.08 5.84
N ASN A 217 30.46 -8.63 4.85
CA ASN A 217 30.83 -8.40 3.47
C ASN A 217 29.81 -7.58 2.72
N GLY A 218 28.80 -7.11 3.45
CA GLY A 218 27.88 -6.11 2.94
C GLY A 218 26.76 -6.68 2.10
N ASN A 219 26.28 -7.85 2.49
CA ASN A 219 25.22 -8.48 1.73
C ASN A 219 23.98 -8.70 2.57
N PRO A 220 22.82 -8.76 1.91
CA PRO A 220 21.56 -9.17 2.51
C PRO A 220 21.74 -10.28 3.50
N ALA A 221 20.95 -10.31 4.55
CA ALA A 221 21.22 -11.20 5.64
C ALA A 221 20.03 -11.32 6.56
N GLU A 222 19.84 -12.49 7.14
CA GLU A 222 18.92 -12.63 8.24
C GLU A 222 19.49 -11.88 9.43
N TYR A 223 18.72 -11.82 10.50
CA TYR A 223 19.23 -11.13 11.68
C TYR A 223 20.34 -11.94 12.34
N SER A 224 21.47 -11.28 12.57
CA SER A 224 22.57 -11.81 13.35
C SER A 224 23.20 -10.72 14.19
N LYS A 225 23.54 -11.05 15.43
CA LYS A 225 24.08 -10.09 16.38
C LYS A 225 25.36 -9.42 15.89
N ASP A 226 25.94 -9.93 14.83
CA ASP A 226 27.15 -9.34 14.30
C ASP A 226 26.92 -8.82 12.89
N ASN A 227 25.65 -8.52 12.58
CA ASN A 227 25.31 -7.79 11.37
C ASN A 227 25.68 -6.33 11.55
N VAL A 228 25.98 -5.65 10.45
CA VAL A 228 26.39 -4.26 10.51
C VAL A 228 25.67 -3.40 9.47
N PRO A 229 25.64 -2.08 9.70
CA PRO A 229 25.00 -1.13 8.78
C PRO A 229 25.43 -1.26 7.32
N TYR A 230 24.48 -1.46 6.43
CA TYR A 230 24.75 -1.64 5.02
C TYR A 230 25.30 -0.37 4.40
N ARG A 231 26.39 -0.47 3.66
CA ARG A 231 26.93 0.70 2.98
C ARG A 231 26.41 0.74 1.57
N PRO A 232 25.50 1.67 1.28
CA PRO A 232 24.80 1.68 0.01
C PRO A 232 25.67 2.17 -1.11
N LYS A 233 25.37 1.71 -2.32
CA LYS A 233 25.99 2.27 -3.50
C LYS A 233 25.70 3.75 -3.52
N ARG A 234 24.44 4.10 -3.76
CA ARG A 234 24.06 5.49 -3.74
C ARG A 234 22.99 5.76 -2.73
N TRP A 235 23.14 6.82 -1.96
CA TRP A 235 22.11 7.28 -1.06
C TRP A 235 21.81 8.72 -1.42
N VAL A 236 20.62 9.20 -1.09
CA VAL A 236 20.22 10.55 -1.48
C VAL A 236 20.56 11.60 -0.44
N LYS A 237 21.04 12.73 -0.89
CA LYS A 237 21.37 13.82 0.01
C LYS A 237 20.15 14.66 0.42
N VAL A 238 20.13 15.06 1.67
CA VAL A 238 19.05 15.86 2.19
C VAL A 238 19.36 17.33 2.08
N ASN A 239 18.55 18.03 1.31
CA ASN A 239 18.68 19.46 1.14
C ASN A 239 17.65 20.21 1.99
N ALA A 240 18.10 21.13 2.81
CA ALA A 240 17.17 21.77 3.73
C ALA A 240 17.10 23.26 3.49
N GLN A 241 17.41 23.68 2.28
CA GLN A 241 17.24 25.07 1.90
C GLN A 241 15.82 25.36 1.49
N GLY A 242 14.95 24.38 1.67
CA GLY A 242 13.54 24.60 1.47
C GLY A 242 13.08 24.67 0.04
N VAL A 243 11.76 24.76 -0.12
CA VAL A 243 11.12 24.78 -1.42
C VAL A 243 10.23 26.01 -1.64
N LYS A 244 9.95 26.32 -2.89
CA LYS A 244 9.10 27.46 -3.22
C LYS A 244 8.15 27.02 -4.31
N GLU A 245 6.99 27.64 -4.42
CA GLU A 245 6.04 27.27 -5.45
C GLU A 245 6.67 27.28 -6.83
N GLY A 246 6.41 26.25 -7.63
CA GLY A 246 6.87 26.21 -8.99
C GLY A 246 8.18 25.48 -9.15
N ASP A 247 8.77 25.10 -8.03
CA ASP A 247 9.99 24.30 -8.05
C ASP A 247 9.76 22.96 -8.70
N PHE A 248 10.78 22.43 -9.36
CA PHE A 248 10.72 21.09 -9.93
C PHE A 248 10.70 20.06 -8.83
N ALA A 249 9.99 18.96 -9.05
CA ALA A 249 9.90 17.93 -8.04
C ALA A 249 9.86 16.57 -8.67
N LEU A 250 10.71 15.66 -8.20
CA LEU A 250 10.74 14.31 -8.75
C LEU A 250 10.47 13.27 -7.68
N ILE A 251 9.62 12.32 -8.00
CA ILE A 251 9.29 11.24 -7.09
C ILE A 251 9.61 9.88 -7.70
N MET A 252 10.26 9.02 -6.91
CA MET A 252 10.56 7.66 -7.33
C MET A 252 10.11 6.69 -6.26
N GLY A 253 9.39 5.65 -6.64
CA GLY A 253 8.86 4.73 -5.67
C GLY A 253 8.08 3.61 -6.29
N TYR A 254 7.23 2.95 -5.52
CA TYR A 254 6.56 1.75 -5.96
C TYR A 254 5.04 1.83 -5.97
N PRO A 255 4.47 2.49 -6.99
CA PRO A 255 3.03 2.52 -7.19
C PRO A 255 2.44 1.16 -7.45
N GLY A 256 1.33 0.87 -6.78
CA GLY A 256 0.75 -0.45 -6.81
C GLY A 256 -0.20 -0.80 -7.93
N THR A 257 -1.19 0.04 -8.20
CA THR A 257 -2.25 -0.31 -9.13
C THR A 257 -2.90 0.87 -9.82
N THR A 258 -3.10 0.77 -11.12
CA THR A 258 -3.88 1.77 -11.82
C THR A 258 -4.75 1.13 -12.89
N TYR A 259 -5.71 1.89 -13.39
CA TYR A 259 -6.64 1.38 -14.38
C TYR A 259 -6.77 2.34 -15.52
N LYS A 260 -5.65 2.81 -16.04
CA LYS A 260 -5.66 3.83 -17.07
C LYS A 260 -6.04 3.30 -18.43
N PHE A 261 -6.30 2.01 -18.53
CA PHE A 261 -6.64 1.46 -19.82
C PHE A 261 -8.03 0.90 -19.78
N PHE A 262 -8.75 1.24 -18.72
CA PHE A 262 -10.12 0.81 -18.60
C PHE A 262 -10.93 1.29 -19.80
N THR A 263 -11.86 0.47 -20.24
CA THR A 263 -12.84 0.92 -21.21
C THR A 263 -13.97 1.52 -20.42
N ALA A 264 -14.97 2.05 -21.12
CA ALA A 264 -16.08 2.66 -20.45
C ALA A 264 -16.82 1.65 -19.60
N ASP A 265 -17.17 0.52 -20.18
CA ASP A 265 -17.96 -0.46 -19.45
C ASP A 265 -17.22 -0.93 -18.23
N GLU A 266 -15.89 -0.92 -18.30
CA GLU A 266 -15.07 -1.36 -17.18
C GLU A 266 -15.14 -0.39 -16.03
N VAL A 267 -15.00 0.90 -16.33
CA VAL A 267 -15.16 1.95 -15.35
C VAL A 267 -16.44 1.77 -14.56
N THR A 268 -17.52 1.56 -15.28
CA THR A 268 -18.84 1.51 -14.68
C THR A 268 -18.98 0.33 -13.76
N GLU A 269 -18.36 -0.78 -14.13
CA GLU A 269 -18.45 -1.99 -13.34
C GLU A 269 -17.67 -1.85 -12.05
N TRP A 270 -16.43 -1.43 -12.18
CA TRP A 270 -15.58 -1.24 -11.02
C TRP A 270 -16.25 -0.32 -10.02
N SER A 271 -16.91 0.70 -10.54
CA SER A 271 -17.59 1.67 -9.69
C SER A 271 -18.75 1.03 -8.98
N GLU A 272 -19.62 0.41 -9.76
CA GLU A 272 -20.87 -0.13 -9.27
C GLU A 272 -20.69 -1.44 -8.54
N ILE A 273 -19.59 -2.14 -8.77
CA ILE A 273 -19.38 -3.37 -8.06
C ILE A 273 -18.35 -3.21 -6.95
N ASP A 274 -17.06 -3.23 -7.27
CA ASP A 274 -16.03 -3.12 -6.22
C ASP A 274 -16.23 -1.90 -5.36
N ASN A 275 -16.16 -0.73 -5.98
CA ASN A 275 -16.16 0.50 -5.23
C ASN A 275 -17.37 0.67 -4.33
N ASN A 276 -18.57 0.49 -4.89
CA ASN A 276 -19.78 0.70 -4.12
C ASN A 276 -20.01 -0.32 -3.04
N ILE A 277 -19.56 -1.54 -3.26
CA ILE A 277 -19.72 -2.58 -2.25
C ILE A 277 -18.81 -2.25 -1.09
N ARG A 278 -17.67 -1.66 -1.40
CA ARG A 278 -16.78 -1.20 -0.35
C ARG A 278 -17.40 -0.05 0.42
N ILE A 279 -18.01 0.88 -0.30
CA ILE A 279 -18.66 1.99 0.37
C ILE A 279 -19.78 1.49 1.27
N GLU A 280 -20.61 0.60 0.76
CA GLU A 280 -21.71 0.08 1.53
C GLU A 280 -21.22 -0.61 2.77
N MET A 281 -20.29 -1.55 2.59
CA MET A 281 -19.87 -2.43 3.65
C MET A 281 -18.99 -1.76 4.70
N ARG A 282 -18.06 -0.93 4.26
CA ARG A 282 -17.18 -0.27 5.22
C ARG A 282 -17.92 0.86 5.92
N GLY A 283 -19.03 1.30 5.34
CA GLY A 283 -19.86 2.30 5.97
C GLY A 283 -20.53 1.72 7.18
N ILE A 284 -21.00 0.49 7.04
CA ILE A 284 -21.54 -0.23 8.17
C ILE A 284 -20.47 -0.43 9.23
N LEU A 285 -19.30 -0.87 8.82
CA LEU A 285 -18.22 -1.09 9.76
C LEU A 285 -17.88 0.21 10.45
N GLN A 286 -17.77 1.30 9.69
CA GLN A 286 -17.32 2.56 10.25
C GLN A 286 -18.39 3.18 11.13
N ASP A 287 -19.60 2.66 11.00
CA ASP A 287 -20.68 3.00 11.90
C ASP A 287 -20.53 2.28 13.25
N VAL A 288 -20.78 0.97 13.26
CA VAL A 288 -20.77 0.15 14.46
C VAL A 288 -19.47 0.27 15.23
N MET A 289 -18.36 0.53 14.54
CA MET A 289 -17.06 0.60 15.19
C MET A 289 -16.81 1.99 15.74
N LEU A 290 -17.62 2.96 15.30
CA LEU A 290 -17.54 4.30 15.84
C LEU A 290 -18.34 4.40 17.11
N ARG A 291 -19.64 4.14 16.96
CA ARG A 291 -20.63 4.34 18.01
C ARG A 291 -20.35 3.52 19.26
N GLU A 292 -19.39 2.61 19.18
CA GLU A 292 -18.78 2.09 20.39
C GLU A 292 -17.80 3.16 20.86
N MET A 293 -18.39 4.33 21.14
CA MET A 293 -17.71 5.58 21.44
C MET A 293 -17.35 5.67 22.92
N LEU A 294 -17.36 4.55 23.60
CA LEU A 294 -17.32 4.57 25.05
C LEU A 294 -15.90 4.40 25.60
N ALA A 295 -15.19 5.52 25.64
CA ALA A 295 -13.84 5.68 26.19
C ALA A 295 -13.15 4.42 26.68
N ILE A 299 -10.89 2.70 23.59
CA ILE A 299 -10.41 3.80 24.42
C ILE A 299 -10.04 4.90 23.43
N ASN A 300 -8.78 5.37 23.39
CA ASN A 300 -8.34 6.29 22.35
C ASN A 300 -8.66 5.77 20.94
N ILE A 301 -9.30 6.57 20.11
CA ILE A 301 -9.63 6.13 18.76
C ILE A 301 -8.38 6.08 17.90
N MET A 302 -7.31 6.73 18.35
CA MET A 302 -6.12 6.88 17.53
C MET A 302 -5.40 5.57 17.26
N TYR A 303 -5.47 4.64 18.20
CA TYR A 303 -4.70 3.41 18.12
C TYR A 303 -5.51 2.21 17.68
N ALA A 304 -6.70 2.48 17.16
CA ALA A 304 -7.57 1.45 16.62
C ALA A 304 -7.14 1.15 15.19
N ALA A 305 -6.27 0.17 15.01
CA ALA A 305 -5.59 0.01 13.74
C ALA A 305 -6.46 -0.58 12.66
N LYS A 306 -7.26 -1.57 13.02
CA LYS A 306 -8.17 -2.17 12.09
C LYS A 306 -9.10 -1.13 11.54
N TYR A 307 -9.67 -0.34 12.44
CA TYR A 307 -10.60 0.71 12.10
C TYR A 307 -9.97 1.71 11.17
N ALA A 308 -8.75 2.09 11.48
CA ALA A 308 -8.04 3.08 10.69
C ALA A 308 -7.76 2.60 9.28
N SER A 309 -7.37 1.34 9.13
CA SER A 309 -7.12 0.76 7.81
C SER A 309 -8.37 0.77 6.98
N SER A 310 -9.46 0.35 7.59
CA SER A 310 -10.70 0.25 6.89
C SER A 310 -11.16 1.61 6.43
N GLN A 311 -11.10 2.56 7.35
CA GLN A 311 -11.58 3.90 7.12
C GLN A 311 -10.82 4.57 6.00
N ASN A 312 -9.51 4.33 5.97
CA ASN A 312 -8.64 4.83 4.90
C ASN A 312 -9.05 4.41 3.48
N GLY A 313 -9.58 3.21 3.34
CA GLY A 313 -9.99 2.70 2.05
C GLY A 313 -11.43 3.06 1.73
N TYR A 314 -12.23 3.16 2.79
CA TYR A 314 -13.55 3.73 2.74
C TYR A 314 -13.52 5.10 2.13
N LYS A 315 -12.68 5.97 2.68
CA LYS A 315 -12.61 7.33 2.20
C LYS A 315 -12.07 7.44 0.81
N ARG A 316 -11.16 6.55 0.44
CA ARG A 316 -10.66 6.58 -0.92
C ARG A 316 -11.75 6.17 -1.90
N ALA A 317 -12.54 5.20 -1.48
CA ALA A 317 -13.66 4.75 -2.28
C ALA A 317 -14.62 5.91 -2.48
N GLN A 318 -15.02 6.54 -1.38
CA GLN A 318 -15.92 7.67 -1.43
C GLN A 318 -15.45 8.72 -2.40
N GLY A 319 -14.17 9.00 -2.37
CA GLY A 319 -13.60 10.02 -3.21
C GLY A 319 -13.44 9.56 -4.62
N ALA A 320 -13.59 8.27 -4.84
CA ALA A 320 -13.44 7.74 -6.17
C ALA A 320 -14.78 7.78 -6.86
N ASN A 321 -15.79 7.35 -6.13
CA ASN A 321 -17.18 7.50 -6.55
C ASN A 321 -17.48 8.92 -6.90
N TRP A 322 -16.99 9.83 -6.07
CA TRP A 322 -17.15 11.23 -6.33
C TRP A 322 -16.56 11.62 -7.67
N ALA A 323 -15.27 11.37 -7.85
CA ALA A 323 -14.61 11.76 -9.08
C ALA A 323 -15.23 11.13 -10.32
N ILE A 324 -15.90 10.00 -10.16
CA ILE A 324 -16.50 9.37 -11.32
C ILE A 324 -17.78 10.11 -11.69
N ARG A 325 -18.53 10.54 -10.69
CA ARG A 325 -19.70 11.37 -10.94
C ARG A 325 -19.30 12.74 -11.45
N ARG A 326 -18.40 13.40 -10.73
CA ARG A 326 -18.12 14.79 -10.98
C ARG A 326 -17.02 15.05 -11.99
N ARG A 327 -16.09 14.13 -12.20
CA ARG A 327 -15.03 14.40 -13.13
C ARG A 327 -15.30 13.75 -14.45
N SER A 328 -16.44 13.08 -14.54
CA SER A 328 -16.94 12.58 -15.82
C SER A 328 -16.00 11.57 -16.43
N LEU A 329 -15.65 10.56 -15.64
CA LEU A 329 -14.54 9.72 -15.97
C LEU A 329 -14.93 8.67 -16.97
N ARG A 330 -16.11 8.08 -16.81
CA ARG A 330 -16.54 7.08 -17.75
C ARG A 330 -16.60 7.64 -19.17
N GLU A 331 -16.91 8.92 -19.27
CA GLU A 331 -17.04 9.59 -20.54
C GLU A 331 -15.68 9.95 -21.08
N ILE A 332 -14.72 10.14 -20.18
CA ILE A 332 -13.36 10.41 -20.60
C ILE A 332 -12.69 9.16 -21.15
N LYS A 333 -12.92 8.02 -20.53
CA LYS A 333 -12.32 6.80 -21.02
C LYS A 333 -12.97 6.39 -22.32
N LEU A 334 -14.27 6.62 -22.40
CA LEU A 334 -15.02 6.28 -23.59
C LEU A 334 -14.45 7.04 -24.77
N ALA A 335 -13.96 8.23 -24.52
CA ALA A 335 -13.43 9.04 -25.60
C ALA A 335 -12.12 8.48 -26.02
N GLN A 336 -11.40 7.91 -25.08
CA GLN A 336 -10.12 7.32 -25.37
C GLN A 336 -10.33 6.04 -26.16
N GLN A 337 -11.20 5.18 -25.67
CA GLN A 337 -11.40 3.89 -26.27
C GLN A 337 -11.88 4.01 -27.69
N GLN A 338 -12.40 5.17 -28.06
CA GLN A 338 -12.95 5.30 -29.38
C GLN A 338 -11.97 6.01 -30.28
N GLU A 339 -10.95 6.62 -29.71
CA GLU A 339 -9.87 7.10 -30.54
C GLU A 339 -9.19 5.91 -31.17
N VAL A 340 -8.74 5.00 -30.32
CA VAL A 340 -8.05 3.82 -30.78
C VAL A 340 -8.95 3.00 -31.70
N LEU A 341 -10.24 2.99 -31.41
CA LEU A 341 -11.18 2.27 -32.24
C LEU A 341 -11.24 2.90 -33.62
N ALA A 342 -11.17 4.23 -33.64
CA ALA A 342 -11.14 4.97 -34.88
C ALA A 342 -9.84 4.70 -35.62
N TRP A 343 -8.74 4.91 -34.94
CA TRP A 343 -7.42 4.65 -35.49
C TRP A 343 -7.31 3.25 -36.12
N ALA A 344 -7.88 2.25 -35.44
CA ALA A 344 -7.90 0.89 -35.95
C ALA A 344 -8.59 0.83 -37.29
N LYS A 345 -9.87 1.20 -37.29
CA LYS A 345 -10.70 1.25 -38.47
C LYS A 345 -10.00 1.93 -39.64
N GLN A 346 -9.44 3.09 -39.38
CA GLN A 346 -8.76 3.85 -40.41
C GLN A 346 -7.57 3.09 -40.94
N LYS A 347 -6.96 2.27 -40.10
CA LYS A 347 -5.88 1.41 -40.56
C LYS A 347 -6.43 0.05 -40.94
N GLY A 348 -7.75 -0.05 -40.95
CA GLY A 348 -8.41 -1.30 -41.33
C GLY A 348 -8.04 -2.47 -40.46
N ILE A 349 -8.23 -2.33 -39.15
CA ILE A 349 -7.94 -3.40 -38.19
C ILE A 349 -9.18 -3.74 -37.42
N ALA A 350 -9.35 -5.02 -37.11
CA ALA A 350 -10.54 -5.45 -36.38
C ALA A 350 -10.20 -6.09 -35.04
N THR A 351 -8.92 -6.22 -34.75
CA THR A 351 -8.50 -6.83 -33.50
C THR A 351 -8.96 -5.97 -32.34
N THR A 352 -8.73 -4.66 -32.49
CA THR A 352 -9.09 -3.68 -31.49
C THR A 352 -10.53 -3.79 -31.09
N GLU A 353 -11.37 -3.73 -32.09
CA GLU A 353 -12.79 -3.62 -31.89
C GLU A 353 -13.35 -4.87 -31.23
N GLU A 354 -12.83 -6.03 -31.58
CA GLU A 354 -13.45 -7.25 -31.07
C GLU A 354 -13.05 -7.47 -29.63
N ALA A 355 -11.99 -6.80 -29.22
CA ALA A 355 -11.55 -6.83 -27.84
C ALA A 355 -12.54 -6.12 -26.96
N VAL A 356 -12.90 -4.91 -27.35
CA VAL A 356 -13.85 -4.11 -26.60
C VAL A 356 -15.15 -4.85 -26.48
N ARG A 357 -15.54 -5.53 -27.55
CA ARG A 357 -16.78 -6.27 -27.53
C ARG A 357 -16.63 -7.41 -26.51
N ALA A 358 -15.44 -7.98 -26.44
CA ALA A 358 -15.18 -9.10 -25.57
C ALA A 358 -15.14 -8.66 -24.13
N ILE A 359 -14.40 -7.58 -23.90
CA ILE A 359 -14.34 -6.98 -22.59
C ILE A 359 -15.72 -6.73 -22.04
N SER A 360 -16.62 -6.20 -22.85
CA SER A 360 -17.97 -5.94 -22.38
C SER A 360 -18.69 -7.23 -22.14
N LYS A 361 -18.40 -8.24 -22.92
CA LYS A 361 -19.07 -9.52 -22.77
C LYS A 361 -18.68 -10.17 -21.45
N ALA A 362 -17.38 -10.24 -21.21
CA ALA A 362 -16.86 -10.85 -19.98
C ALA A 362 -17.44 -10.17 -18.75
N ILE A 363 -17.53 -8.84 -18.82
CA ILE A 363 -18.05 -8.08 -17.71
C ILE A 363 -19.47 -8.48 -17.36
N GLU A 364 -20.36 -8.49 -18.34
CA GLU A 364 -21.76 -8.74 -18.03
C GLU A 364 -21.98 -10.18 -17.64
N GLY A 365 -21.12 -11.07 -18.11
CA GLY A 365 -21.16 -12.45 -17.67
C GLY A 365 -20.81 -12.64 -16.20
N ARG A 366 -19.77 -11.95 -15.73
CA ARG A 366 -19.31 -12.19 -14.38
C ARG A 366 -20.00 -11.33 -13.33
N GLN A 367 -21.00 -10.56 -13.72
CA GLN A 367 -21.68 -9.64 -12.82
C GLN A 367 -22.04 -10.27 -11.49
N ASP A 368 -22.79 -11.36 -11.54
CA ASP A 368 -23.22 -11.99 -10.32
C ASP A 368 -22.05 -12.51 -9.52
N LEU A 369 -21.05 -13.03 -10.21
CA LEU A 369 -19.94 -13.67 -9.53
C LEU A 369 -18.99 -12.65 -8.92
N ARG A 370 -18.71 -11.56 -9.62
CA ARG A 370 -17.81 -10.58 -9.03
C ARG A 370 -18.50 -9.90 -7.87
N MET A 371 -19.78 -9.66 -8.03
CA MET A 371 -20.53 -9.08 -6.95
C MET A 371 -20.43 -9.95 -5.72
N ARG A 372 -20.53 -11.25 -5.93
CA ARG A 372 -20.52 -12.18 -4.84
C ARG A 372 -19.17 -12.16 -4.18
N GLN A 373 -18.13 -12.18 -5.01
CA GLN A 373 -16.76 -12.11 -4.55
C GLN A 373 -16.54 -10.93 -3.64
N ARG A 374 -17.12 -9.81 -4.01
CA ARG A 374 -16.87 -8.56 -3.32
C ARG A 374 -17.62 -8.41 -2.03
N TYR A 375 -18.81 -8.96 -1.96
CA TYR A 375 -19.53 -8.89 -0.72
C TYR A 375 -18.84 -9.77 0.27
N LEU A 376 -18.38 -10.92 -0.18
CA LEU A 376 -17.63 -11.83 0.65
C LEU A 376 -16.38 -11.17 1.18
N LEU A 377 -15.66 -10.53 0.27
CA LEU A 377 -14.41 -9.88 0.59
C LEU A 377 -14.59 -8.78 1.60
N GLU A 378 -15.35 -7.76 1.21
CA GLU A 378 -15.56 -6.60 2.05
C GLU A 378 -16.30 -6.95 3.31
N GLY A 379 -17.39 -7.70 3.17
CA GLY A 379 -18.26 -7.95 4.29
C GLY A 379 -17.70 -8.91 5.32
N ILE A 380 -16.96 -9.90 4.87
CA ILE A 380 -16.56 -10.97 5.77
C ILE A 380 -15.06 -11.15 5.88
N LEU A 381 -14.39 -11.34 4.75
CA LEU A 381 -12.96 -11.58 4.77
C LEU A 381 -12.18 -10.44 5.40
N MET A 382 -12.49 -9.21 4.99
CA MET A 382 -11.82 -8.07 5.58
C MET A 382 -12.54 -7.58 6.81
N GLY A 383 -13.86 -7.59 6.80
CA GLY A 383 -14.63 -7.02 7.88
C GLY A 383 -14.63 -7.82 9.16
N ILE A 384 -14.93 -9.11 9.05
CA ILE A 384 -15.06 -9.96 10.21
C ILE A 384 -13.76 -10.70 10.49
N GLU A 385 -13.23 -10.55 11.69
CA GLU A 385 -11.93 -11.14 11.97
C GLU A 385 -12.05 -12.62 12.30
N MET A 386 -13.28 -13.11 12.44
CA MET A 386 -13.48 -14.54 12.63
C MET A 386 -12.90 -15.32 11.48
N SER A 387 -12.67 -14.66 10.36
CA SER A 387 -12.20 -15.32 9.16
C SER A 387 -10.76 -15.73 9.24
N ASN A 388 -10.08 -15.28 10.29
CA ASN A 388 -8.68 -15.60 10.48
C ASN A 388 -8.50 -16.47 11.69
N ALA A 389 -9.59 -17.06 12.13
CA ALA A 389 -9.58 -17.92 13.29
C ALA A 389 -8.66 -19.11 13.05
N PRO A 390 -7.98 -19.57 14.10
CA PRO A 390 -7.07 -20.72 14.01
C PRO A 390 -7.74 -21.98 13.53
N ALA A 391 -6.98 -22.83 12.87
CA ALA A 391 -7.45 -24.16 12.53
C ALA A 391 -6.47 -25.17 13.06
N ALA A 392 -6.98 -26.29 13.56
CA ALA A 392 -6.13 -27.36 14.07
C ALA A 392 -5.33 -28.03 12.95
N ASP A 393 -4.04 -28.22 13.17
CA ASP A 393 -3.20 -28.87 12.17
C ASP A 393 -3.36 -30.38 12.18
N SER A 394 -2.51 -31.07 11.44
CA SER A 394 -2.62 -32.52 11.29
C SER A 394 -2.25 -33.27 12.56
N ASP A 395 -1.25 -32.77 13.26
CA ASP A 395 -0.84 -33.34 14.54
C ASP A 395 -2.04 -33.46 15.46
N ILE A 396 -2.75 -32.36 15.65
CA ILE A 396 -3.88 -32.36 16.55
C ILE A 396 -4.94 -33.38 16.14
N ALA A 397 -5.18 -33.48 14.85
CA ALA A 397 -6.22 -34.39 14.38
C ALA A 397 -5.77 -35.84 14.46
N ASP A 398 -4.57 -36.12 13.96
CA ASP A 398 -4.09 -37.48 13.85
C ASP A 398 -3.28 -37.95 15.05
N HIS A 399 -2.39 -37.11 15.55
CA HIS A 399 -1.43 -37.55 16.56
C HIS A 399 -1.62 -36.89 17.91
N TRP A 400 -2.85 -36.86 18.41
CA TRP A 400 -3.10 -36.25 19.71
C TRP A 400 -2.42 -37.06 20.80
N ASP A 401 -2.17 -38.33 20.51
CA ASP A 401 -1.64 -39.24 21.50
C ASP A 401 -0.14 -39.35 21.42
N ASP A 402 0.48 -38.53 20.58
CA ASP A 402 1.92 -38.38 20.61
C ASP A 402 2.26 -37.01 21.16
N PRO A 403 2.53 -36.93 22.46
CA PRO A 403 2.80 -35.74 23.26
C PRO A 403 3.64 -34.67 22.59
N ALA A 404 4.49 -35.05 21.64
CA ALA A 404 5.32 -34.08 20.93
C ALA A 404 4.51 -33.43 19.83
N ARG A 405 3.82 -34.25 19.05
CA ARG A 405 2.93 -33.75 18.02
C ARG A 405 1.92 -32.85 18.67
N ARG A 406 1.33 -33.34 19.75
CA ARG A 406 0.27 -32.63 20.41
C ARG A 406 0.73 -31.28 20.89
N GLU A 407 1.95 -31.20 21.38
CA GLU A 407 2.43 -29.94 21.92
C GLU A 407 2.78 -29.00 20.79
N ALA A 408 3.15 -29.55 19.65
CA ALA A 408 3.48 -28.73 18.52
C ALA A 408 2.20 -28.30 17.85
N GLY A 409 1.24 -29.21 17.80
CA GLY A 409 -0.06 -28.89 17.28
C GLY A 409 -0.74 -27.81 18.10
N LEU A 410 -0.44 -27.78 19.38
CA LEU A 410 -1.04 -26.83 20.29
C LEU A 410 -0.31 -25.53 20.16
N GLN A 411 0.88 -25.58 19.58
CA GLN A 411 1.73 -24.44 19.62
C GLN A 411 1.60 -23.80 18.28
N SER A 412 1.15 -24.60 17.31
CA SER A 412 0.57 -24.07 16.08
C SER A 412 -0.72 -23.31 16.36
N ILE A 413 -1.50 -23.76 17.34
CA ILE A 413 -2.74 -23.07 17.68
C ILE A 413 -2.46 -21.73 18.35
N ARG A 414 -1.55 -21.73 19.30
CA ARG A 414 -1.23 -20.51 20.01
C ARG A 414 -0.61 -19.53 19.06
N LYS A 415 0.10 -20.03 18.07
CA LYS A 415 0.71 -19.16 17.09
C LYS A 415 -0.37 -18.49 16.24
N GLN A 416 -1.33 -19.30 15.79
CA GLN A 416 -2.41 -18.78 14.97
C GLN A 416 -3.27 -17.78 15.72
N PHE A 417 -3.62 -18.10 16.95
CA PHE A 417 -4.44 -17.22 17.76
C PHE A 417 -3.79 -15.88 17.94
N GLU A 418 -2.47 -15.86 18.14
CA GLU A 418 -1.79 -14.59 18.37
C GLU A 418 -1.91 -13.69 17.17
N ALA A 419 -2.00 -14.27 16.00
CA ALA A 419 -2.13 -13.50 14.77
C ALA A 419 -3.59 -13.17 14.53
N PHE A 420 -4.46 -13.86 15.23
CA PHE A 420 -5.87 -13.62 15.12
C PHE A 420 -6.30 -12.48 16.03
N PHE A 421 -5.60 -12.26 17.14
CA PHE A 421 -5.83 -11.08 17.97
C PHE A 421 -4.85 -9.97 17.66
N LYS A 431 -16.71 -6.15 19.33
CA LYS A 431 -16.24 -7.22 18.47
C LYS A 431 -17.40 -8.13 18.11
N ASP A 432 -18.30 -8.31 19.06
CA ASP A 432 -19.51 -9.06 18.85
C ASP A 432 -20.46 -8.39 17.86
N GLN A 433 -20.83 -7.14 18.12
CA GLN A 433 -21.84 -6.48 17.31
C GLN A 433 -21.35 -6.08 15.93
N LEU A 434 -20.05 -6.16 15.71
CA LEU A 434 -19.51 -5.79 14.41
C LEU A 434 -19.74 -6.90 13.43
N ALA A 435 -19.50 -8.12 13.90
CA ALA A 435 -19.72 -9.29 13.08
C ALA A 435 -21.19 -9.43 12.76
N ILE A 436 -22.05 -9.07 13.71
CA ILE A 436 -23.48 -9.16 13.53
C ILE A 436 -23.95 -8.22 12.44
N ALA A 437 -23.50 -6.97 12.52
CA ALA A 437 -23.96 -5.93 11.62
C ALA A 437 -23.58 -6.26 10.19
N LEU A 438 -22.38 -6.75 10.02
CA LEU A 438 -21.87 -7.09 8.71
C LEU A 438 -22.52 -8.34 8.15
N LEU A 439 -22.60 -9.39 8.95
CA LEU A 439 -23.16 -10.63 8.45
C LEU A 439 -24.64 -10.48 8.14
N THR A 440 -25.31 -9.63 8.91
CA THR A 440 -26.71 -9.32 8.68
C THR A 440 -26.92 -8.72 7.31
N ARG A 441 -26.13 -7.72 6.99
CA ARG A 441 -26.23 -7.09 5.69
C ARG A 441 -25.73 -7.99 4.59
N TYR A 442 -24.68 -8.77 4.87
CA TYR A 442 -24.17 -9.71 3.88
C TYR A 442 -25.26 -10.67 3.50
N ALA A 443 -25.96 -11.15 4.52
CA ALA A 443 -26.96 -12.16 4.33
C ALA A 443 -28.16 -11.62 3.61
N GLU A 444 -28.36 -10.31 3.66
CA GLU A 444 -29.46 -9.71 2.94
C GLU A 444 -29.14 -9.62 1.47
N ARG A 445 -27.89 -9.38 1.13
CA ARG A 445 -27.48 -9.18 -0.25
C ARG A 445 -27.24 -10.48 -1.01
N ILE A 446 -26.90 -11.54 -0.29
CA ILE A 446 -26.55 -12.81 -0.89
C ILE A 446 -27.63 -13.85 -0.62
N PRO A 447 -28.24 -14.39 -1.69
CA PRO A 447 -29.23 -15.46 -1.54
C PRO A 447 -28.65 -16.61 -0.75
N ALA A 448 -29.44 -17.19 0.14
CA ALA A 448 -28.92 -18.16 1.08
C ALA A 448 -28.19 -19.28 0.39
N GLU A 449 -28.64 -19.65 -0.81
CA GLU A 449 -28.05 -20.77 -1.50
C GLU A 449 -26.65 -20.44 -2.00
N LYS A 450 -26.37 -19.15 -2.13
CA LYS A 450 -25.08 -18.70 -2.61
C LYS A 450 -24.19 -18.27 -1.48
N GLN A 451 -24.62 -18.50 -0.25
CA GLN A 451 -23.82 -18.19 0.92
C GLN A 451 -22.92 -19.35 1.28
N PRO A 452 -21.85 -19.09 2.05
CA PRO A 452 -20.99 -20.19 2.51
C PRO A 452 -21.76 -21.16 3.37
N ILE A 453 -21.41 -22.43 3.23
CA ILE A 453 -22.14 -23.52 3.86
C ILE A 453 -22.41 -23.25 5.32
N SER A 454 -21.38 -22.88 6.07
CA SER A 454 -21.54 -22.67 7.49
C SER A 454 -22.56 -21.60 7.78
N ILE A 455 -22.54 -20.56 6.98
CA ILE A 455 -23.36 -19.40 7.24
C ILE A 455 -24.81 -19.73 7.00
N ARG A 456 -25.13 -20.24 5.82
CA ARG A 456 -26.52 -20.47 5.51
C ARG A 456 -27.09 -21.58 6.38
N GLU A 457 -26.24 -22.46 6.87
CA GLU A 457 -26.70 -23.48 7.78
C GLU A 457 -26.89 -22.91 9.16
N GLY A 458 -26.04 -21.95 9.51
CA GLY A 458 -26.10 -21.37 10.83
C GLY A 458 -27.37 -20.55 10.94
N ILE A 459 -27.68 -19.84 9.87
CA ILE A 459 -28.88 -19.03 9.82
C ILE A 459 -30.08 -19.95 9.78
N ALA A 460 -29.90 -21.14 9.25
CA ALA A 460 -30.98 -22.13 9.27
C ALA A 460 -31.34 -22.47 10.69
N GLU A 461 -30.41 -23.04 11.45
CA GLU A 461 -30.66 -23.38 12.83
C GLU A 461 -31.19 -22.18 13.60
N TYR A 462 -30.38 -21.14 13.67
CA TYR A 462 -30.61 -20.06 14.61
C TYR A 462 -31.55 -18.99 14.11
N GLY A 463 -31.90 -19.06 12.84
CA GLY A 463 -32.95 -18.22 12.33
C GLY A 463 -32.57 -16.78 12.07
N SER A 464 -31.32 -16.45 12.35
CA SER A 464 -30.84 -15.12 12.09
C SER A 464 -29.33 -15.15 12.04
N ALA A 465 -28.75 -14.29 11.21
CA ALA A 465 -27.33 -14.15 11.17
C ALA A 465 -26.86 -13.69 12.54
N LYS A 466 -27.70 -12.90 13.19
CA LYS A 466 -27.38 -12.41 14.50
C LYS A 466 -27.18 -13.54 15.49
N ALA A 467 -28.19 -14.39 15.62
CA ALA A 467 -28.14 -15.49 16.58
C ALA A 467 -27.02 -16.46 16.28
N TYR A 468 -26.80 -16.70 15.00
CA TYR A 468 -25.71 -17.56 14.55
C TYR A 468 -24.37 -17.00 15.01
N VAL A 469 -24.14 -15.71 14.76
CA VAL A 469 -22.94 -15.06 15.25
C VAL A 469 -22.81 -15.21 16.75
N GLU A 470 -23.90 -14.94 17.45
CA GLU A 470 -23.86 -14.93 18.90
C GLU A 470 -23.47 -16.29 19.42
N MET A 471 -23.99 -17.34 18.78
CA MET A 471 -23.61 -18.70 19.13
C MET A 471 -22.11 -18.86 19.14
N ILE A 472 -21.50 -18.41 18.05
CA ILE A 472 -20.07 -18.58 17.88
C ILE A 472 -19.33 -17.96 19.05
N PHE A 473 -19.55 -16.67 19.30
CA PHE A 473 -18.88 -15.98 20.40
C PHE A 473 -19.17 -16.59 21.74
N ASP A 474 -20.25 -17.33 21.83
CA ASP A 474 -20.55 -18.06 23.04
C ASP A 474 -19.74 -19.35 23.09
N LYS A 475 -19.89 -20.19 22.09
CA LYS A 475 -19.35 -21.54 22.16
C LYS A 475 -17.87 -21.65 21.82
N SER A 476 -17.28 -20.59 21.28
CA SER A 476 -15.93 -20.69 20.75
C SER A 476 -14.87 -20.40 21.79
N ILE A 477 -13.68 -20.98 21.58
CA ILE A 477 -12.56 -20.83 22.49
C ILE A 477 -11.76 -19.58 22.19
N TYR A 478 -11.92 -19.04 21.01
CA TYR A 478 -11.10 -17.93 20.61
C TYR A 478 -11.87 -16.63 20.73
N ALA A 479 -13.03 -16.68 21.37
CA ALA A 479 -13.88 -15.52 21.49
C ALA A 479 -13.19 -14.42 22.27
N SER A 480 -12.39 -14.80 23.26
CA SER A 480 -11.63 -13.82 24.00
C SER A 480 -10.34 -14.44 24.47
N ARG A 481 -9.37 -13.59 24.77
CA ARG A 481 -8.07 -14.05 25.22
C ARG A 481 -8.16 -14.89 26.47
N GLU A 482 -9.00 -14.48 27.39
CA GLU A 482 -9.02 -15.14 28.68
C GLU A 482 -9.78 -16.44 28.60
N ARG A 483 -10.69 -16.53 27.63
CA ARG A 483 -11.43 -17.76 27.42
C ARG A 483 -10.49 -18.78 26.85
N PHE A 484 -9.67 -18.32 25.92
CA PHE A 484 -8.70 -19.16 25.27
C PHE A 484 -7.68 -19.70 26.26
N GLU A 485 -7.06 -18.83 27.03
CA GLU A 485 -6.04 -19.28 27.98
C GLU A 485 -6.58 -20.27 28.99
N GLU A 486 -7.83 -20.09 29.39
CA GLU A 486 -8.50 -21.06 30.24
C GLU A 486 -8.56 -22.40 29.54
N PHE A 487 -8.90 -22.40 28.27
CA PHE A 487 -8.99 -23.65 27.53
C PHE A 487 -7.64 -24.35 27.45
N MET A 488 -6.59 -23.57 27.26
CA MET A 488 -5.27 -24.14 27.08
C MET A 488 -4.70 -24.68 28.38
N LYS A 489 -5.31 -24.33 29.50
CA LYS A 489 -4.93 -24.92 30.77
C LYS A 489 -5.26 -26.40 30.72
N ASN A 490 -6.36 -26.75 30.05
CA ASN A 490 -6.75 -28.14 29.88
C ASN A 490 -7.32 -28.39 28.52
N PRO A 491 -6.47 -28.42 27.50
CA PRO A 491 -6.92 -28.51 26.12
C PRO A 491 -7.67 -29.79 25.86
N ASP A 492 -8.63 -29.73 24.96
CA ASP A 492 -9.43 -30.89 24.60
C ASP A 492 -9.42 -31.05 23.11
N ARG A 493 -9.17 -32.26 22.63
CA ARG A 493 -9.01 -32.47 21.21
C ARG A 493 -10.27 -32.16 20.40
N ASP A 494 -11.35 -32.84 20.74
CA ASP A 494 -12.57 -32.71 19.98
C ASP A 494 -13.06 -31.28 19.97
N ARG A 495 -12.82 -30.56 21.06
CA ARG A 495 -13.29 -29.18 21.14
C ARG A 495 -12.62 -28.34 20.09
N LEU A 496 -11.33 -28.59 19.87
CA LEU A 496 -10.56 -27.85 18.88
C LEU A 496 -11.05 -28.10 17.46
N LEU A 497 -11.49 -29.32 17.20
CA LEU A 497 -11.86 -29.71 15.85
C LEU A 497 -13.25 -29.27 15.49
N ARG A 498 -14.06 -28.96 16.48
CA ARG A 498 -15.44 -28.62 16.22
C ARG A 498 -15.81 -27.21 16.64
N ASP A 499 -14.81 -26.36 16.79
CA ASP A 499 -15.06 -24.97 17.15
C ASP A 499 -15.87 -24.31 16.05
N PRO A 500 -16.90 -23.57 16.44
CA PRO A 500 -17.77 -22.96 15.42
C PRO A 500 -17.10 -21.82 14.69
N MET A 501 -16.06 -21.24 15.25
CA MET A 501 -15.41 -20.11 14.58
C MET A 501 -14.37 -20.58 13.58
N SER A 502 -13.73 -21.71 13.88
CA SER A 502 -12.81 -22.30 12.94
C SER A 502 -13.59 -22.86 11.77
N ARG A 503 -14.82 -23.27 12.04
CA ARG A 503 -15.68 -23.75 10.97
C ARG A 503 -16.05 -22.62 10.07
N PHE A 504 -16.42 -21.50 10.68
CA PHE A 504 -16.74 -20.29 9.97
C PHE A 504 -15.60 -19.91 9.05
N ALA A 505 -14.43 -19.72 9.64
CA ALA A 505 -13.24 -19.37 8.89
C ALA A 505 -12.99 -20.32 7.76
N ALA A 506 -13.30 -21.58 7.96
CA ALA A 506 -13.01 -22.56 6.94
C ALA A 506 -14.01 -22.53 5.79
N SER A 507 -15.27 -22.28 6.11
CA SER A 507 -16.33 -22.30 5.10
C SER A 507 -16.26 -21.06 4.25
N VAL A 508 -15.80 -19.98 4.87
CA VAL A 508 -15.73 -18.70 4.20
C VAL A 508 -14.59 -18.71 3.21
N ALA A 509 -13.53 -19.40 3.57
CA ALA A 509 -12.40 -19.51 2.66
C ALA A 509 -12.77 -20.45 1.54
N TYR A 510 -13.61 -21.42 1.83
CA TYR A 510 -14.03 -22.39 0.83
C TYR A 510 -14.78 -21.70 -0.28
N GLU A 511 -15.77 -20.91 0.09
CA GLU A 511 -16.56 -20.17 -0.86
C GLU A 511 -15.69 -19.21 -1.64
N HIS A 512 -14.67 -18.70 -0.99
CA HIS A 512 -13.75 -17.77 -1.62
C HIS A 512 -13.01 -18.43 -2.77
N GLN A 513 -12.51 -19.63 -2.57
CA GLN A 513 -11.79 -20.28 -3.64
C GLN A 513 -12.77 -20.85 -4.65
N LYS A 514 -13.95 -21.23 -4.18
CA LYS A 514 -14.97 -21.74 -5.07
C LYS A 514 -15.43 -20.70 -6.05
N LEU A 515 -15.65 -19.48 -5.57
CA LEU A 515 -16.02 -18.37 -6.44
C LEU A 515 -14.95 -18.09 -7.47
N ALA A 516 -13.71 -18.11 -7.04
CA ALA A 516 -12.59 -17.76 -7.90
C ALA A 516 -12.43 -18.78 -9.02
N LYS A 517 -12.75 -20.02 -8.73
CA LYS A 517 -12.68 -21.07 -9.74
C LYS A 517 -13.72 -20.84 -10.82
N GLU A 518 -14.96 -20.65 -10.42
CA GLU A 518 -16.02 -20.45 -11.39
C GLU A 518 -15.80 -19.21 -12.24
N VAL A 519 -15.31 -18.14 -11.62
CA VAL A 519 -15.26 -16.83 -12.28
C VAL A 519 -14.08 -16.75 -13.23
N ALA A 520 -13.23 -17.77 -13.20
CA ALA A 520 -12.11 -17.86 -14.11
C ALA A 520 -12.59 -17.93 -15.55
N ALA A 521 -13.81 -18.41 -15.73
CA ALA A 521 -14.41 -18.54 -17.05
C ALA A 521 -14.59 -17.20 -17.74
N PHE A 522 -14.56 -16.12 -16.98
CA PHE A 522 -14.77 -14.82 -17.57
C PHE A 522 -13.52 -13.99 -17.46
N ASP A 523 -12.80 -14.16 -16.36
CA ASP A 523 -11.62 -13.37 -16.13
C ASP A 523 -10.59 -13.64 -17.21
N ALA A 524 -10.53 -14.88 -17.66
CA ALA A 524 -9.53 -15.26 -18.65
C ALA A 524 -9.84 -14.69 -20.04
N PRO A 525 -11.09 -14.82 -20.52
CA PRO A 525 -11.39 -14.08 -21.74
C PRO A 525 -11.09 -12.58 -21.60
N LEU A 526 -11.38 -12.03 -20.43
CA LEU A 526 -11.21 -10.61 -20.18
C LEU A 526 -9.77 -10.16 -20.27
N ALA A 527 -8.86 -10.91 -19.64
CA ALA A 527 -7.46 -10.55 -19.66
C ALA A 527 -6.88 -10.65 -21.05
N ALA A 528 -7.38 -11.61 -21.82
CA ALA A 528 -6.94 -11.75 -23.18
C ALA A 528 -7.36 -10.52 -23.96
N ALA A 529 -8.64 -10.23 -23.92
CA ALA A 529 -9.17 -9.02 -24.56
C ALA A 529 -8.46 -7.77 -24.07
N GLN A 530 -8.15 -7.72 -22.79
CA GLN A 530 -7.37 -6.62 -22.26
C GLN A 530 -6.05 -6.45 -22.95
N ARG A 531 -5.42 -7.58 -23.27
CA ARG A 531 -4.08 -7.54 -23.84
C ARG A 531 -4.16 -7.08 -25.27
N SER A 532 -5.22 -7.47 -25.94
CA SER A 532 -5.38 -7.11 -27.34
C SER A 532 -5.53 -5.62 -27.46
N TYR A 533 -6.48 -5.11 -26.71
CA TYR A 533 -6.78 -3.69 -26.67
C TYR A 533 -5.57 -2.82 -26.37
N VAL A 534 -4.77 -3.21 -25.39
CA VAL A 534 -3.63 -2.39 -25.04
C VAL A 534 -2.56 -2.43 -26.11
N ALA A 535 -2.49 -3.56 -26.81
CA ALA A 535 -1.59 -3.68 -27.95
C ALA A 535 -1.93 -2.62 -28.96
N SER A 536 -3.21 -2.51 -29.28
CA SER A 536 -3.68 -1.51 -30.21
C SER A 536 -3.26 -0.13 -29.76
N VAL A 537 -3.48 0.17 -28.49
CA VAL A 537 -3.06 1.45 -27.97
C VAL A 537 -1.57 1.56 -28.14
N LEU A 538 -0.85 0.57 -27.66
CA LEU A 538 0.59 0.51 -27.82
C LEU A 538 1.00 0.66 -29.29
N ASP A 539 0.17 0.17 -30.20
CA ASP A 539 0.45 0.36 -31.61
C ASP A 539 0.21 1.82 -32.00
N MET A 540 -0.92 2.38 -31.57
CA MET A 540 -1.26 3.76 -31.88
C MET A 540 -0.22 4.75 -31.33
N LYS A 541 0.05 4.67 -30.03
CA LYS A 541 1.08 5.49 -29.43
C LYS A 541 2.39 4.76 -29.44
N GLY A 542 3.44 5.34 -28.90
CA GLY A 542 4.70 4.63 -28.87
C GLY A 542 5.07 4.21 -27.48
N GLN A 543 5.51 2.97 -27.32
CA GLN A 543 5.90 2.49 -26.00
C GLN A 543 6.81 3.48 -25.28
N PRO A 544 7.79 4.08 -25.97
CA PRO A 544 8.55 5.11 -25.26
C PRO A 544 7.73 6.27 -24.73
N ASN A 545 6.51 6.47 -25.23
CA ASN A 545 5.69 7.58 -24.75
C ASN A 545 4.42 7.12 -24.07
N LEU A 546 4.41 5.90 -23.54
CA LEU A 546 3.23 5.39 -22.89
C LEU A 546 3.67 4.72 -21.61
N ALA A 547 3.23 5.26 -20.49
CA ALA A 547 3.58 4.71 -19.21
C ALA A 547 2.54 3.69 -18.81
N PRO A 548 2.98 2.48 -18.48
CA PRO A 548 2.02 1.42 -18.20
C PRO A 548 1.32 1.62 -16.88
N ASP A 549 0.25 0.90 -16.66
CA ASP A 549 -0.34 0.85 -15.36
C ASP A 549 0.67 0.52 -14.27
N ALA A 550 0.34 0.84 -13.02
CA ALA A 550 1.21 0.55 -11.90
C ALA A 550 1.08 -0.91 -11.51
N ASN A 551 2.15 -1.50 -11.02
CA ASN A 551 2.13 -2.91 -10.64
C ASN A 551 3.15 -3.21 -9.57
N LEU A 552 3.25 -2.31 -8.60
CA LEU A 552 4.18 -2.46 -7.48
C LEU A 552 5.61 -2.67 -7.93
N THR A 553 5.97 -2.06 -9.05
CA THR A 553 7.34 -2.04 -9.46
C THR A 553 7.81 -0.61 -9.54
N LEU A 554 9.10 -0.40 -9.68
CA LEU A 554 9.69 0.92 -9.50
C LEU A 554 9.43 1.88 -10.63
N ARG A 555 8.81 3.01 -10.32
CA ARG A 555 8.52 4.04 -11.31
C ARG A 555 9.02 5.39 -10.86
N PHE A 556 9.09 6.33 -11.79
CA PHE A 556 9.30 7.71 -11.43
C PHE A 556 8.17 8.59 -11.95
N THR A 557 8.01 9.78 -11.39
CA THR A 557 7.10 10.75 -11.94
C THR A 557 7.56 12.13 -11.54
N TYR A 558 7.26 13.12 -12.36
CA TYR A 558 7.74 14.46 -12.05
C TYR A 558 6.63 15.49 -12.15
N GLY A 559 6.92 16.70 -11.70
CA GLY A 559 5.96 17.77 -11.73
C GLY A 559 6.52 18.97 -11.00
N GLU A 560 5.64 19.81 -10.49
CA GLU A 560 6.07 20.97 -9.74
C GLU A 560 5.32 21.09 -8.45
N ILE A 561 5.93 21.78 -7.50
CA ILE A 561 5.30 22.21 -6.28
C ILE A 561 4.33 23.33 -6.56
N LYS A 562 3.05 23.02 -6.45
CA LYS A 562 1.99 23.92 -6.84
C LYS A 562 0.71 23.57 -6.13
N GLY A 563 -0.03 24.57 -5.65
CA GLY A 563 -1.27 24.35 -4.95
C GLY A 563 -2.37 24.25 -5.97
N TYR A 564 -3.61 24.40 -5.57
CA TYR A 564 -4.70 24.38 -6.53
C TYR A 564 -5.91 25.15 -6.04
N GLN A 565 -6.92 25.26 -6.91
CA GLN A 565 -8.14 25.96 -6.58
C GLN A 565 -9.31 25.02 -6.55
N PRO A 566 -9.66 24.54 -5.36
CA PRO A 566 -10.65 23.49 -5.13
C PRO A 566 -12.08 23.90 -5.42
N ARG A 567 -12.30 25.18 -5.65
CA ARG A 567 -13.63 25.74 -5.59
C ARG A 567 -13.64 27.11 -6.19
N ASP A 568 -14.83 27.70 -6.26
CA ASP A 568 -14.92 29.10 -6.59
C ASP A 568 -14.65 29.84 -5.31
N VAL A 569 -13.82 30.88 -5.43
CA VAL A 569 -13.39 31.81 -4.37
C VAL A 569 -12.26 31.26 -3.49
N VAL A 570 -12.05 29.96 -3.48
CA VAL A 570 -11.04 29.38 -2.61
C VAL A 570 -9.70 29.01 -3.27
N THR A 571 -8.60 29.41 -2.66
CA THR A 571 -7.28 29.06 -3.16
C THR A 571 -6.46 28.38 -2.09
N TYR A 572 -6.00 27.17 -2.39
CA TYR A 572 -5.06 26.46 -1.56
C TYR A 572 -3.65 26.77 -2.04
N GLY A 573 -2.75 27.03 -1.11
CA GLY A 573 -1.37 27.24 -1.47
C GLY A 573 -0.58 25.95 -1.48
N ALA A 574 0.67 26.05 -1.90
CA ALA A 574 1.51 24.89 -2.05
C ALA A 574 2.11 24.44 -0.73
N LYS A 575 2.22 25.33 0.24
CA LYS A 575 2.99 25.02 1.43
C LYS A 575 2.25 25.18 2.74
N SER A 576 2.56 24.31 3.68
CA SER A 576 1.88 24.20 4.97
C SER A 576 2.77 24.54 6.16
N THR A 577 2.24 25.19 7.19
CA THR A 577 3.09 25.60 8.31
C THR A 577 2.56 25.16 9.66
N LEU A 578 3.41 25.26 10.67
CA LEU A 578 3.13 24.75 11.99
C LEU A 578 1.96 25.45 12.64
N GLU A 579 1.70 26.67 12.23
CA GLU A 579 0.55 27.41 12.68
C GLU A 579 -0.75 26.70 12.34
N GLY A 580 -0.76 25.96 11.25
CA GLY A 580 -1.90 25.15 10.91
C GLY A 580 -2.13 24.08 11.94
N VAL A 581 -1.08 23.66 12.61
CA VAL A 581 -1.26 22.64 13.62
C VAL A 581 -1.91 23.26 14.82
N MET A 582 -1.41 24.41 15.20
CA MET A 582 -1.92 25.13 16.35
C MET A 582 -3.37 25.55 16.17
N GLU A 583 -3.72 25.92 14.95
CA GLU A 583 -5.10 26.27 14.62
C GLU A 583 -6.05 25.12 14.83
N LYS A 584 -5.59 23.90 14.67
CA LYS A 584 -6.50 22.77 14.69
C LYS A 584 -6.59 22.14 16.06
N GLU A 585 -5.68 22.52 16.94
CA GLU A 585 -5.57 21.93 18.26
C GLU A 585 -6.90 21.76 18.94
N ASP A 586 -7.14 20.60 19.51
CA ASP A 586 -8.31 20.43 20.33
C ASP A 586 -8.11 19.29 21.30
N PRO A 587 -7.83 19.63 22.56
CA PRO A 587 -7.55 18.71 23.65
C PRO A 587 -8.64 17.67 23.83
N ASN A 588 -9.80 17.91 23.27
CA ASN A 588 -10.92 17.00 23.43
C ASN A 588 -11.15 16.18 22.19
N ASN A 589 -10.33 16.40 21.17
CA ASN A 589 -10.36 15.54 20.00
C ASN A 589 -9.09 14.76 19.88
N TRP A 590 -9.14 13.46 20.17
CA TRP A 590 -7.98 12.56 20.08
C TRP A 590 -7.10 12.87 18.89
N GLU A 591 -7.78 13.10 17.79
CA GLU A 591 -7.22 13.41 16.49
C GLU A 591 -6.27 14.61 16.46
N TYR A 592 -6.66 15.64 17.18
CA TYR A 592 -6.01 16.94 17.13
C TYR A 592 -5.31 17.35 18.40
N VAL A 593 -5.11 16.40 19.31
CA VAL A 593 -4.29 16.69 20.45
C VAL A 593 -2.90 17.09 19.99
N VAL A 594 -2.40 18.22 20.48
CA VAL A 594 -1.04 18.67 20.16
C VAL A 594 -0.07 18.42 21.30
N ASP A 595 1.13 17.97 20.97
CA ASP A 595 2.13 17.70 21.98
C ASP A 595 2.70 18.99 22.58
N PRO A 596 2.67 19.09 23.91
CA PRO A 596 3.19 20.23 24.66
C PRO A 596 4.56 20.70 24.25
N LYS A 597 5.48 19.78 23.97
CA LYS A 597 6.82 20.15 23.60
C LYS A 597 6.81 20.79 22.23
N LEU A 598 5.90 20.33 21.38
CA LEU A 598 5.75 20.91 20.07
C LEU A 598 5.17 22.31 20.17
N LYS A 599 4.16 22.47 21.02
CA LYS A 599 3.54 23.75 21.20
C LYS A 599 4.50 24.80 21.75
N ALA A 600 5.30 24.39 22.72
CA ALA A 600 6.22 25.31 23.34
C ALA A 600 7.17 25.81 22.30
N LEU A 601 7.54 24.93 21.39
CA LEU A 601 8.47 25.27 20.36
C LEU A 601 7.87 26.28 19.43
N TYR A 602 6.58 26.16 19.18
CA TYR A 602 5.87 27.10 18.34
C TYR A 602 5.86 28.48 18.97
N GLU A 603 5.46 28.54 20.23
CA GLU A 603 5.36 29.82 20.90
C GLU A 603 6.71 30.35 21.34
N ALA A 604 7.77 29.62 21.02
CA ALA A 604 9.10 30.14 21.22
C ALA A 604 9.71 30.43 19.88
N LYS A 605 9.00 30.04 18.83
CA LYS A 605 9.48 30.21 17.47
C LYS A 605 10.92 29.72 17.33
N ASN A 606 11.23 28.63 18.03
CA ASN A 606 12.56 28.06 17.99
C ASN A 606 12.71 27.06 16.87
N TYR A 607 12.86 27.56 15.66
CA TYR A 607 12.86 26.72 14.49
C TYR A 607 14.25 26.55 13.90
N GLY A 608 15.27 26.95 14.64
CA GLY A 608 16.64 26.81 14.20
C GLY A 608 16.84 27.29 12.77
N ARG A 609 17.51 26.48 11.97
CA ARG A 609 17.72 26.82 10.57
C ARG A 609 16.70 26.15 9.65
N TYR A 610 15.65 25.58 10.24
CA TYR A 610 14.69 24.79 9.48
C TYR A 610 13.45 25.56 9.03
N ALA A 611 13.36 26.85 9.34
CA ALA A 611 12.14 27.59 9.08
C ALA A 611 12.07 28.15 7.67
N ASN A 612 10.86 28.46 7.24
CA ASN A 612 10.64 29.11 5.97
C ASN A 612 11.29 30.49 5.98
N SER A 613 11.29 31.16 4.83
CA SER A 613 11.84 32.51 4.74
C SER A 613 11.09 33.50 5.61
N ASP A 614 9.77 33.41 5.63
CA ASP A 614 8.99 34.33 6.42
C ASP A 614 9.02 34.00 7.90
N GLY A 615 9.82 33.02 8.28
CA GLY A 615 9.99 32.71 9.68
C GLY A 615 8.95 31.75 10.18
N SER A 616 8.10 31.27 9.30
CA SER A 616 7.15 30.25 9.65
C SER A 616 7.80 28.89 9.57
N MET A 617 7.28 27.95 10.35
CA MET A 617 7.81 26.61 10.39
C MET A 617 7.02 25.71 9.47
N PRO A 618 7.67 25.19 8.41
CA PRO A 618 7.04 24.37 7.37
C PRO A 618 6.63 23.00 7.87
N VAL A 619 5.57 22.46 7.30
CA VAL A 619 5.10 21.16 7.70
C VAL A 619 5.00 20.26 6.47
N ASN A 620 4.08 20.57 5.56
CA ASN A 620 3.94 19.78 4.35
C ASN A 620 3.99 20.63 3.11
N PHE A 621 3.83 20.00 1.97
CA PHE A 621 3.60 20.69 0.73
C PHE A 621 3.04 19.71 -0.28
N CYS A 622 2.57 20.20 -1.42
CA CYS A 622 1.92 19.36 -2.40
C CYS A 622 2.46 19.67 -3.77
N ALA A 623 2.37 18.68 -4.66
CA ALA A 623 2.94 18.81 -5.99
C ALA A 623 2.15 18.04 -7.03
N THR A 624 2.41 18.35 -8.29
CA THR A 624 1.60 17.84 -9.38
C THR A 624 2.00 16.44 -9.83
N THR A 625 2.94 15.84 -9.12
CA THR A 625 3.38 14.48 -9.38
C THR A 625 2.23 13.49 -9.32
N HIS A 626 2.37 12.40 -10.06
CA HIS A 626 1.34 11.38 -10.17
C HIS A 626 1.66 10.15 -9.33
N THR A 627 1.17 10.09 -8.10
CA THR A 627 1.47 8.99 -7.21
C THR A 627 0.21 8.24 -6.96
N THR A 628 0.23 7.22 -6.12
CA THR A 628 -0.95 6.42 -5.85
C THR A 628 -0.63 5.53 -4.69
N GLY A 629 -1.54 4.65 -4.30
CA GLY A 629 -1.24 3.72 -3.24
C GLY A 629 -0.01 2.89 -3.51
N GLY A 630 0.87 2.77 -2.53
CA GLY A 630 2.13 2.09 -2.70
C GLY A 630 3.23 3.10 -2.74
N ASN A 631 2.87 4.34 -3.01
CA ASN A 631 3.85 5.41 -3.07
C ASN A 631 4.18 6.02 -1.74
N ALA A 632 3.54 5.56 -0.69
CA ALA A 632 3.82 6.06 0.62
C ALA A 632 5.28 5.87 0.98
N GLY A 633 5.94 6.93 1.38
CA GLY A 633 7.33 6.85 1.73
C GLY A 633 8.23 7.21 0.61
N SER A 634 7.69 7.50 -0.56
CA SER A 634 8.54 7.77 -1.69
C SER A 634 9.37 9.03 -1.50
N PRO A 635 10.62 8.99 -1.92
CA PRO A 635 11.43 10.19 -1.87
C PRO A 635 10.94 11.28 -2.79
N VAL A 636 11.04 12.52 -2.35
CA VAL A 636 10.72 13.64 -3.21
C VAL A 636 11.99 14.45 -3.35
N MET A 637 12.43 14.66 -4.58
CA MET A 637 13.72 15.26 -4.78
C MET A 637 13.64 16.50 -5.64
N ASN A 638 14.50 17.46 -5.40
CA ASN A 638 14.48 18.73 -6.11
C ASN A 638 15.16 18.63 -7.45
N ALA A 639 15.58 19.75 -8.03
CA ALA A 639 16.05 19.73 -9.39
C ALA A 639 17.41 19.05 -9.53
N ARG A 640 18.14 19.02 -8.42
CA ARG A 640 19.50 18.55 -8.41
C ARG A 640 19.61 17.14 -7.85
N GLY A 641 18.49 16.57 -7.43
CA GLY A 641 18.49 15.18 -7.00
C GLY A 641 18.53 15.02 -5.51
N GLU A 642 18.55 16.13 -4.82
CA GLU A 642 18.62 16.13 -3.37
C GLU A 642 17.23 15.96 -2.79
N LEU A 643 17.14 15.43 -1.59
CA LEU A 643 15.84 15.12 -1.02
C LEU A 643 15.20 16.32 -0.35
N ILE A 644 14.02 16.72 -0.82
CA ILE A 644 13.26 17.79 -0.16
C ILE A 644 12.02 17.30 0.57
N GLY A 645 11.69 16.02 0.47
CA GLY A 645 10.52 15.54 1.18
C GLY A 645 10.15 14.09 0.99
N LEU A 646 9.15 13.66 1.75
CA LEU A 646 8.63 12.31 1.69
C LEU A 646 7.14 12.26 1.36
N ASN A 647 6.77 11.57 0.29
CA ASN A 647 5.36 11.43 -0.06
C ASN A 647 4.59 10.66 1.02
N PHE A 648 3.31 10.97 1.22
CA PHE A 648 2.48 10.09 2.05
C PHE A 648 0.99 10.04 1.70
N ASP A 649 0.50 10.98 0.91
CA ASP A 649 -0.91 10.92 0.56
C ASP A 649 -1.23 11.55 -0.78
N ARG A 650 -2.49 11.46 -1.17
CA ARG A 650 -3.06 12.30 -2.24
C ARG A 650 -4.22 13.12 -1.67
N ASN A 651 -4.62 14.18 -2.36
CA ASN A 651 -5.80 14.96 -1.98
C ASN A 651 -7.08 14.34 -2.49
N TRP A 652 -8.18 14.58 -1.79
CA TRP A 652 -9.50 14.11 -2.19
C TRP A 652 -9.78 14.17 -3.69
N GLU A 653 -9.35 15.24 -4.34
CA GLU A 653 -9.65 15.44 -5.75
C GLU A 653 -8.75 14.58 -6.64
N GLY A 654 -7.76 13.97 -6.05
CA GLY A 654 -6.79 13.23 -6.84
C GLY A 654 -6.99 11.75 -6.81
N VAL A 655 -8.00 11.30 -6.09
CA VAL A 655 -8.23 9.89 -5.90
C VAL A 655 -8.62 9.20 -7.19
N GLY A 656 -9.29 9.93 -8.05
CA GLY A 656 -9.68 9.39 -9.33
C GLY A 656 -8.57 9.47 -10.33
N GLY A 657 -7.36 9.66 -9.87
CA GLY A 657 -6.22 9.59 -10.76
C GLY A 657 -5.75 8.19 -11.14
N ASP A 658 -6.31 7.15 -10.55
CA ASP A 658 -5.96 5.78 -10.90
C ASP A 658 -6.58 5.46 -12.22
N ILE A 659 -7.68 6.14 -12.49
CA ILE A 659 -8.41 5.95 -13.72
C ILE A 659 -7.95 6.98 -14.70
N GLU A 660 -7.90 8.22 -14.27
CA GLU A 660 -7.43 9.27 -15.15
C GLU A 660 -6.81 10.42 -14.37
N TYR A 661 -5.60 10.76 -14.73
CA TYR A 661 -4.88 11.82 -14.05
C TYR A 661 -5.41 13.18 -14.44
N LEU A 662 -5.80 13.97 -13.44
CA LEU A 662 -6.31 15.31 -13.70
C LEU A 662 -5.33 16.35 -13.23
N PRO A 663 -4.70 17.05 -14.15
CA PRO A 663 -3.56 17.91 -13.83
C PRO A 663 -3.86 19.15 -13.00
N ASN A 664 -5.12 19.50 -12.78
CA ASN A 664 -5.38 20.72 -12.07
C ASN A 664 -6.13 20.52 -10.78
N TYR A 665 -6.50 19.28 -10.50
CA TYR A 665 -6.91 18.99 -9.14
C TYR A 665 -5.90 18.07 -8.42
N GLN A 666 -5.40 17.05 -9.10
CA GLN A 666 -4.62 16.02 -8.43
C GLN A 666 -3.29 16.47 -7.83
N ARG A 667 -3.09 16.23 -6.55
CA ARG A 667 -1.82 16.59 -5.92
C ARG A 667 -1.27 15.47 -5.04
N SER A 668 0.04 15.36 -4.99
CA SER A 668 0.66 14.47 -4.03
C SER A 668 1.00 15.24 -2.76
N ILE A 669 0.59 14.71 -1.63
CA ILE A 669 0.81 15.38 -0.35
C ILE A 669 2.10 14.86 0.30
N ILE A 670 3.00 15.78 0.56
CA ILE A 670 4.37 15.49 0.83
C ILE A 670 4.79 16.07 2.14
N LEU A 671 5.57 15.33 2.92
CA LEU A 671 6.12 15.85 4.16
C LEU A 671 7.38 16.66 3.89
N ASP A 672 7.40 17.90 4.35
CA ASP A 672 8.56 18.75 4.17
C ASP A 672 9.74 18.12 4.91
N ILE A 673 10.87 17.98 4.26
CA ILE A 673 11.97 17.28 4.90
C ILE A 673 12.46 18.06 6.09
N ARG A 674 12.24 19.37 6.08
CA ARG A 674 12.68 20.20 7.19
C ARG A 674 11.80 20.00 8.41
N TYR A 675 10.60 19.48 8.22
CA TYR A 675 9.75 19.23 9.37
C TYR A 675 10.28 18.01 10.07
N LEU A 676 10.63 17.00 9.29
CA LEU A 676 11.26 15.79 9.78
C LEU A 676 12.51 16.13 10.58
N LEU A 677 13.41 16.88 9.96
CA LEU A 677 14.61 17.34 10.61
C LEU A 677 14.31 18.05 11.92
N PHE A 678 13.44 19.04 11.84
CA PHE A 678 13.00 19.79 13.00
C PHE A 678 12.58 18.89 14.16
N ILE A 679 11.77 17.88 13.88
CA ILE A 679 11.29 16.98 14.92
C ILE A 679 12.39 16.17 15.58
N ILE A 680 13.30 15.61 14.79
CA ILE A 680 14.45 14.89 15.29
C ILE A 680 15.26 15.80 16.16
N ASP A 681 15.67 16.91 15.57
CA ASP A 681 16.49 17.89 16.24
C ASP A 681 15.84 18.57 17.42
N LYS A 682 14.88 19.44 17.16
CA LYS A 682 14.40 20.39 18.16
C LYS A 682 13.42 19.76 19.12
N PHE A 683 12.71 18.74 18.68
CA PHE A 683 11.65 18.15 19.45
C PHE A 683 12.13 16.94 20.25
N ALA A 684 12.98 16.15 19.62
CA ALA A 684 13.34 14.87 20.19
C ALA A 684 14.71 14.91 20.79
N GLY A 685 15.59 15.67 20.16
CA GLY A 685 16.91 15.91 20.70
C GLY A 685 17.92 14.89 20.24
N CYS A 686 17.58 14.16 19.20
CA CYS A 686 18.45 13.11 18.72
C CYS A 686 19.46 13.63 17.73
N GLN A 687 20.47 14.36 18.21
CA GLN A 687 21.43 14.99 17.31
C GLN A 687 22.23 14.00 16.51
N ARG A 688 22.40 12.81 17.06
CA ARG A 688 23.07 11.72 16.40
C ARG A 688 22.57 11.55 14.96
N LEU A 689 21.26 11.52 14.80
CA LEU A 689 20.66 11.36 13.49
C LEU A 689 20.72 12.61 12.62
N ILE A 690 20.69 13.80 13.21
CA ILE A 690 21.00 14.99 12.45
C ILE A 690 22.41 14.85 11.90
N ASP A 691 23.31 14.35 12.75
CA ASP A 691 24.69 14.18 12.32
C ASP A 691 24.83 13.15 11.21
N GLU A 692 24.12 12.03 11.28
CA GLU A 692 24.25 11.03 10.24
C GLU A 692 23.69 11.48 8.89
N ILE A 693 22.65 12.29 8.93
CA ILE A 693 21.93 12.67 7.71
C ILE A 693 22.62 13.81 6.97
N GLN A 694 23.24 14.70 7.72
CA GLN A 694 23.97 15.84 7.17
C GLN A 694 23.15 16.64 6.19
N PRO A 695 22.14 17.35 6.68
CA PRO A 695 21.34 18.20 5.82
C PRO A 695 22.23 19.22 5.18
N GLN A 696 21.93 19.57 3.93
CA GLN A 696 22.74 20.57 3.26
C GLN A 696 22.02 21.89 3.33
N PHE A 697 22.78 22.95 3.61
CA PHE A 697 22.24 24.30 3.71
C PHE A 697 22.95 25.20 2.71
N LEU B 1 -4.60 8.22 3.01
CA LEU B 1 -3.23 7.75 3.09
C LEU B 1 -2.94 6.82 1.95
N ASP B 2 -1.82 7.05 1.28
CA ASP B 2 -1.40 6.22 0.16
C ASP B 2 -0.49 5.10 0.61
N VAL B 3 -0.82 4.57 1.78
CA VAL B 3 -0.39 3.27 2.28
C VAL B 3 0.06 2.28 1.19
C TRS C . -3.98 2.23 -6.07
C1 TRS C . -4.95 1.07 -6.09
C2 TRS C . -2.57 1.74 -5.78
C3 TRS C . -4.43 3.31 -5.10
N TRS C . -3.93 2.86 -7.39
O1 TRS C . -6.22 1.51 -6.52
O2 TRS C . -2.62 0.51 -5.10
O3 TRS C . -4.21 2.95 -3.75
C TRS D . 12.31 28.96 1.02
C1 TRS D . 13.63 28.92 0.27
C2 TRS D . 11.76 27.59 1.32
C3 TRS D . 12.44 29.59 2.36
N TRS D . 11.32 29.69 0.24
O1 TRS D . 13.41 28.80 -1.12
O2 TRS D . 10.54 27.76 1.98
O3 TRS D . 11.17 29.47 2.94
#